data_1U2E
#
_entry.id   1U2E
#
_cell.length_a   144.858
_cell.length_b   144.154
_cell.length_c   62.107
_cell.angle_alpha   90.00
_cell.angle_beta   90.00
_cell.angle_gamma   90.00
#
_symmetry.space_group_name_H-M   'P 21 21 2'
#
loop_
_entity.id
_entity.type
_entity.pdbx_description
1 polymer '2-hydroxy-6-ketonona-2,4-dienedioic acid hydrolase'
2 non-polymer 'CHLORIDE ION'
3 water water
#
_entity_poly.entity_id   1
_entity_poly.type   'polypeptide(L)'
_entity_poly.pdbx_seq_one_letter_code
;MMSYQPQTEAATSRFLNVEEAGKTLRIHFNDCGQGDETVVLLHGSGPGATGWANFSRNIDPLVEAGYRVILLDCPGWGKS
DSVVNSGSRSDLNARILKSVVDQLDIAKIHLLGNSMGGHSSVAFTLKWPERVGKLVLMGGGTGGMSLFTPMPTEGIKRLN
QLYRQPTIENLKLMMDIFVFDTSDLTDALFEARLNNMLSRRDHLENFVKSLEANPKQFPDFGPRLAEIKAQTLIVWGRND
RFVPMDAGLRLLSGIAGSELHIFRDCGHWAQWEHADAFNQLVLNFLARP
;
_entity_poly.pdbx_strand_id   A,B,C,D
#
loop_
_chem_comp.id
_chem_comp.type
_chem_comp.name
_chem_comp.formula
CL non-polymer 'CHLORIDE ION' 'Cl -1'
#
# COMPACT_ATOMS: atom_id res chain seq x y z
N TYR A 4 -15.66 -24.31 36.19
CA TYR A 4 -15.79 -22.86 35.86
C TYR A 4 -17.15 -22.55 35.26
N GLN A 5 -17.77 -21.49 35.77
CA GLN A 5 -19.07 -21.06 35.29
C GLN A 5 -18.88 -19.79 34.45
N PRO A 6 -19.48 -19.75 33.25
CA PRO A 6 -19.33 -18.56 32.41
C PRO A 6 -19.75 -17.30 33.15
N GLN A 7 -19.15 -16.18 32.79
CA GLN A 7 -19.45 -14.90 33.42
C GLN A 7 -20.81 -14.39 32.94
N THR A 8 -21.52 -13.69 33.81
CA THR A 8 -22.81 -13.12 33.45
C THR A 8 -22.69 -11.61 33.57
N GLU A 9 -23.42 -10.91 32.71
CA GLU A 9 -23.40 -9.45 32.71
C GLU A 9 -24.02 -8.92 33.99
N ALA A 10 -25.09 -9.59 34.43
CA ALA A 10 -25.80 -9.17 35.64
C ALA A 10 -24.95 -9.28 36.90
N ALA A 11 -24.23 -10.39 37.07
CA ALA A 11 -23.41 -10.58 38.25
C ALA A 11 -22.21 -9.63 38.36
N THR A 12 -21.57 -9.34 37.22
CA THR A 12 -20.40 -8.47 37.23
C THR A 12 -20.69 -6.99 37.10
N SER A 13 -21.95 -6.63 36.85
CA SER A 13 -22.33 -5.23 36.70
C SER A 13 -21.89 -4.36 37.89
N ARG A 14 -21.30 -3.21 37.60
CA ARG A 14 -20.83 -2.28 38.62
C ARG A 14 -20.90 -0.83 38.13
N PHE A 15 -20.83 0.11 39.06
CA PHE A 15 -20.86 1.54 38.76
C PHE A 15 -19.83 2.27 39.60
N LEU A 16 -19.42 3.43 39.12
CA LEU A 16 -18.44 4.25 39.81
C LEU A 16 -18.65 5.68 39.31
N ASN A 17 -18.34 6.66 40.12
CA ASN A 17 -18.51 8.04 39.70
C ASN A 17 -17.18 8.65 39.29
N VAL A 18 -17.21 9.36 38.17
CA VAL A 18 -16.02 9.98 37.65
C VAL A 18 -16.25 11.46 37.37
N GLU A 19 -15.29 12.29 37.78
CA GLU A 19 -15.38 13.72 37.55
C GLU A 19 -14.86 14.04 36.16
N GLU A 20 -15.72 14.61 35.33
CA GLU A 20 -15.35 14.96 33.97
C GLU A 20 -15.89 16.34 33.59
N ALA A 21 -14.99 17.22 33.16
CA ALA A 21 -15.37 18.58 32.77
C ALA A 21 -16.27 19.26 33.78
N GLY A 22 -15.84 19.29 35.04
CA GLY A 22 -16.61 19.94 36.08
C GLY A 22 -17.89 19.22 36.49
N LYS A 23 -18.29 18.21 35.72
CA LYS A 23 -19.51 17.47 36.02
C LYS A 23 -19.13 16.09 36.57
N THR A 24 -20.11 15.41 37.17
CA THR A 24 -19.88 14.07 37.71
C THR A 24 -20.82 13.12 36.99
N LEU A 25 -20.25 12.19 36.24
CA LEU A 25 -21.07 11.23 35.50
C LEU A 25 -20.95 9.80 36.03
N ARG A 26 -22.08 9.09 35.99
CA ARG A 26 -22.16 7.72 36.46
C ARG A 26 -21.69 6.78 35.35
N ILE A 27 -20.59 6.08 35.61
CA ILE A 27 -20.00 5.17 34.64
C ILE A 27 -20.19 3.71 35.03
N HIS A 28 -20.65 2.90 34.08
CA HIS A 28 -20.85 1.48 34.32
C HIS A 28 -19.75 0.63 33.70
N PHE A 29 -19.52 -0.54 34.28
CA PHE A 29 -18.52 -1.47 33.76
C PHE A 29 -18.69 -2.84 34.41
N ASN A 30 -18.25 -3.88 33.72
CA ASN A 30 -18.34 -5.23 34.25
C ASN A 30 -16.96 -5.64 34.75
N ASP A 31 -16.89 -6.05 36.02
CA ASP A 31 -15.65 -6.47 36.67
C ASP A 31 -15.70 -7.99 36.79
N CYS A 32 -14.90 -8.69 35.99
CA CYS A 32 -14.90 -10.15 36.00
C CYS A 32 -13.61 -10.78 36.49
N GLY A 33 -13.74 -11.92 37.16
CA GLY A 33 -12.62 -12.67 37.68
C GLY A 33 -11.71 -12.01 38.70
N GLN A 34 -10.58 -12.66 38.95
CA GLN A 34 -9.57 -12.16 39.89
C GLN A 34 -8.25 -12.60 39.28
N GLY A 35 -7.16 -11.92 39.62
CA GLY A 35 -5.86 -12.29 39.07
C GLY A 35 -4.86 -11.15 39.21
N ASP A 36 -3.61 -11.49 39.47
CA ASP A 36 -2.56 -10.48 39.62
C ASP A 36 -2.67 -9.40 38.54
N GLU A 37 -2.80 -9.83 37.29
CA GLU A 37 -2.89 -8.89 36.19
C GLU A 37 -4.32 -8.59 35.77
N THR A 38 -4.56 -7.37 35.31
CA THR A 38 -5.89 -6.93 34.89
C THR A 38 -5.90 -6.58 33.41
N VAL A 39 -6.94 -7.01 32.72
CA VAL A 39 -7.09 -6.73 31.30
C VAL A 39 -8.32 -5.88 31.06
N VAL A 40 -8.11 -4.67 30.55
CA VAL A 40 -9.22 -3.78 30.27
C VAL A 40 -9.64 -3.90 28.81
N LEU A 41 -10.94 -4.02 28.59
CA LEU A 41 -11.49 -4.17 27.26
C LEU A 41 -12.35 -2.97 26.91
N LEU A 42 -11.97 -2.27 25.85
CA LEU A 42 -12.69 -1.09 25.40
C LEU A 42 -13.46 -1.34 24.10
N HIS A 43 -14.78 -1.19 24.19
CA HIS A 43 -15.70 -1.41 23.08
C HIS A 43 -15.68 -0.38 21.95
N GLY A 44 -16.33 -0.74 20.85
CA GLY A 44 -16.40 0.11 19.69
C GLY A 44 -17.42 1.21 19.81
N SER A 45 -17.63 1.93 18.71
CA SER A 45 -18.54 3.05 18.70
C SER A 45 -19.86 2.83 17.97
N GLY A 46 -20.22 1.57 17.72
CA GLY A 46 -21.46 1.30 17.01
C GLY A 46 -22.69 1.58 17.87
N PRO A 47 -23.84 1.87 17.24
CA PRO A 47 -25.06 2.13 18.03
C PRO A 47 -25.50 0.87 18.76
N GLY A 48 -25.65 0.96 20.07
CA GLY A 48 -26.07 -0.20 20.84
C GLY A 48 -24.89 -1.00 21.36
N ALA A 49 -23.68 -0.56 21.03
CA ALA A 49 -22.49 -1.26 21.48
C ALA A 49 -22.22 -1.09 22.98
N THR A 50 -21.66 -2.13 23.59
CA THR A 50 -21.32 -2.12 25.01
C THR A 50 -20.11 -3.04 25.19
N GLY A 51 -19.42 -2.91 26.31
CA GLY A 51 -18.28 -3.76 26.56
C GLY A 51 -18.68 -5.22 26.54
N TRP A 52 -19.79 -5.54 27.19
CA TRP A 52 -20.25 -6.92 27.26
C TRP A 52 -20.59 -7.53 25.91
N ALA A 53 -21.36 -6.80 25.10
CA ALA A 53 -21.75 -7.27 23.78
C ALA A 53 -20.57 -7.42 22.80
N ASN A 54 -19.66 -6.45 22.83
CA ASN A 54 -18.49 -6.49 21.94
C ASN A 54 -17.58 -7.68 22.20
N PHE A 55 -17.30 -7.93 23.48
CA PHE A 55 -16.38 -8.99 23.87
C PHE A 55 -16.97 -10.29 24.43
N SER A 56 -18.25 -10.54 24.18
CA SER A 56 -18.89 -11.74 24.69
C SER A 56 -18.11 -13.04 24.45
N ARG A 57 -17.39 -13.12 23.33
CA ARG A 57 -16.62 -14.34 23.04
C ARG A 57 -15.17 -14.30 23.50
N ASN A 58 -14.80 -13.24 24.20
CA ASN A 58 -13.43 -13.11 24.67
C ASN A 58 -13.31 -13.04 26.19
N ILE A 59 -14.40 -12.69 26.87
CA ILE A 59 -14.40 -12.55 28.32
C ILE A 59 -13.97 -13.81 29.08
N ASP A 60 -14.67 -14.92 28.84
CA ASP A 60 -14.35 -16.14 29.55
C ASP A 60 -12.93 -16.71 29.35
N PRO A 61 -12.44 -16.79 28.12
CA PRO A 61 -11.08 -17.33 27.94
C PRO A 61 -10.06 -16.46 28.68
N LEU A 62 -10.40 -15.19 28.82
CA LEU A 62 -9.54 -14.22 29.51
C LEU A 62 -9.54 -14.53 31.01
N VAL A 63 -10.74 -14.61 31.59
CA VAL A 63 -10.90 -14.89 33.02
C VAL A 63 -10.28 -16.23 33.40
N GLU A 64 -10.54 -17.26 32.60
CA GLU A 64 -10.00 -18.59 32.88
C GLU A 64 -8.48 -18.62 32.83
N ALA A 65 -7.88 -17.79 31.97
CA ALA A 65 -6.43 -17.75 31.85
C ALA A 65 -5.85 -17.12 33.12
N GLY A 66 -6.73 -16.59 33.97
CA GLY A 66 -6.27 -16.01 35.22
C GLY A 66 -6.11 -14.49 35.26
N TYR A 67 -6.95 -13.78 34.52
CA TYR A 67 -6.90 -12.33 34.50
C TYR A 67 -8.18 -11.73 35.05
N ARG A 68 -8.06 -10.55 35.65
CA ARG A 68 -9.24 -9.85 36.10
C ARG A 68 -9.62 -9.10 34.82
N VAL A 69 -10.89 -9.11 34.45
CA VAL A 69 -11.30 -8.45 33.22
C VAL A 69 -12.30 -7.33 33.45
N ILE A 70 -11.93 -6.11 33.07
CA ILE A 70 -12.80 -4.96 33.23
C ILE A 70 -13.31 -4.48 31.88
N LEU A 71 -14.63 -4.47 31.72
CA LEU A 71 -15.24 -4.02 30.49
C LEU A 71 -15.94 -2.70 30.76
N LEU A 72 -15.31 -1.62 30.31
CA LEU A 72 -15.83 -0.27 30.53
C LEU A 72 -16.78 0.22 29.46
N ASP A 73 -17.94 0.70 29.89
CA ASP A 73 -18.89 1.26 28.95
C ASP A 73 -18.59 2.77 29.02
N CYS A 74 -18.02 3.30 27.96
CA CYS A 74 -17.66 4.70 27.90
C CYS A 74 -18.89 5.60 27.90
N PRO A 75 -18.76 6.81 28.47
CA PRO A 75 -19.93 7.70 28.48
C PRO A 75 -20.46 7.86 27.06
N GLY A 76 -21.77 7.77 26.91
CA GLY A 76 -22.39 7.87 25.60
C GLY A 76 -22.75 6.47 25.10
N TRP A 77 -22.40 5.46 25.89
CA TRP A 77 -22.68 4.06 25.54
C TRP A 77 -23.14 3.23 26.75
N GLY A 78 -23.91 2.18 26.47
CA GLY A 78 -24.38 1.29 27.52
C GLY A 78 -25.11 1.95 28.69
N LYS A 79 -24.99 1.32 29.86
CA LYS A 79 -25.65 1.80 31.06
C LYS A 79 -24.99 3.04 31.66
N SER A 80 -23.92 3.52 31.03
CA SER A 80 -23.22 4.70 31.53
C SER A 80 -24.03 5.95 31.19
N ASP A 81 -23.73 7.04 31.88
CA ASP A 81 -24.43 8.29 31.59
C ASP A 81 -24.06 8.66 30.17
N SER A 82 -24.85 9.52 29.56
CA SER A 82 -24.57 9.92 28.20
C SER A 82 -23.65 11.14 28.24
N VAL A 83 -23.36 11.71 27.08
CA VAL A 83 -22.48 12.87 27.01
C VAL A 83 -22.37 13.36 25.58
N VAL A 84 -22.16 14.66 25.43
CA VAL A 84 -21.98 15.24 24.11
C VAL A 84 -20.52 15.68 24.10
N ASN A 85 -19.73 15.05 23.25
CA ASN A 85 -18.30 15.33 23.15
C ASN A 85 -17.90 16.15 21.94
N SER A 86 -17.35 17.33 22.18
CA SER A 86 -16.92 18.18 21.09
C SER A 86 -15.40 18.18 21.07
N GLY A 87 -14.81 17.42 21.99
CA GLY A 87 -13.35 17.34 22.06
C GLY A 87 -12.84 16.02 21.53
N SER A 88 -11.77 15.51 22.14
CA SER A 88 -11.22 14.24 21.70
C SER A 88 -11.88 13.05 22.39
N ARG A 89 -12.56 12.24 21.60
CA ARG A 89 -13.25 11.05 22.12
C ARG A 89 -12.28 10.11 22.82
N SER A 90 -11.16 9.82 22.15
CA SER A 90 -10.13 8.94 22.66
C SER A 90 -9.64 9.36 24.03
N ASP A 91 -9.46 10.67 24.20
CA ASP A 91 -8.97 11.22 25.45
C ASP A 91 -10.05 11.25 26.53
N LEU A 92 -11.30 11.47 26.13
CA LEU A 92 -12.37 11.46 27.10
C LEU A 92 -12.40 10.05 27.71
N ASN A 93 -12.49 9.04 26.85
CA ASN A 93 -12.51 7.65 27.31
C ASN A 93 -11.31 7.28 28.18
N ALA A 94 -10.12 7.73 27.80
CA ALA A 94 -8.95 7.39 28.59
C ALA A 94 -8.99 8.05 29.97
N ARG A 95 -9.62 9.22 30.07
CA ARG A 95 -9.73 9.91 31.36
C ARG A 95 -10.61 9.07 32.27
N ILE A 96 -11.79 8.69 31.77
CA ILE A 96 -12.73 7.87 32.51
C ILE A 96 -12.06 6.61 33.04
N LEU A 97 -11.34 5.92 32.17
CA LEU A 97 -10.66 4.69 32.56
C LEU A 97 -9.63 4.98 33.65
N LYS A 98 -8.97 6.14 33.54
CA LYS A 98 -7.97 6.54 34.50
C LYS A 98 -8.59 6.69 35.88
N SER A 99 -9.80 7.24 35.92
CA SER A 99 -10.53 7.45 37.16
C SER A 99 -10.90 6.11 37.77
N VAL A 100 -11.56 5.27 36.96
CA VAL A 100 -11.98 3.95 37.40
C VAL A 100 -10.79 3.12 37.91
N VAL A 101 -9.70 3.11 37.15
CA VAL A 101 -8.52 2.35 37.54
C VAL A 101 -7.86 2.87 38.81
N ASP A 102 -7.92 4.19 39.04
CA ASP A 102 -7.35 4.74 40.26
C ASP A 102 -8.28 4.38 41.41
N GLN A 103 -9.57 4.52 41.19
CA GLN A 103 -10.57 4.20 42.21
C GLN A 103 -10.54 2.73 42.60
N LEU A 104 -10.19 1.86 41.66
CA LEU A 104 -10.14 0.44 41.93
C LEU A 104 -8.78 0.04 42.45
N ASP A 105 -7.90 1.01 42.58
CA ASP A 105 -6.56 0.76 43.10
C ASP A 105 -5.80 -0.26 42.25
N ILE A 106 -5.77 -0.06 40.94
CA ILE A 106 -5.07 -0.99 40.04
C ILE A 106 -3.82 -0.34 39.46
N ALA A 107 -2.66 -0.93 39.78
CA ALA A 107 -1.38 -0.40 39.32
C ALA A 107 -1.15 -0.45 37.82
N LYS A 108 -1.32 -1.63 37.22
CA LYS A 108 -1.10 -1.78 35.80
C LYS A 108 -2.26 -2.46 35.12
N ILE A 109 -2.34 -2.29 33.81
CA ILE A 109 -3.39 -2.93 33.04
C ILE A 109 -2.96 -3.25 31.62
N HIS A 110 -3.47 -4.35 31.11
CA HIS A 110 -3.23 -4.77 29.74
C HIS A 110 -4.45 -4.17 29.05
N LEU A 111 -4.33 -3.83 27.78
CA LEU A 111 -5.45 -3.23 27.06
C LEU A 111 -5.79 -3.90 25.73
N LEU A 112 -7.09 -4.07 25.51
CA LEU A 112 -7.61 -4.63 24.28
C LEU A 112 -8.61 -3.60 23.80
N GLY A 113 -8.20 -2.82 22.81
CA GLY A 113 -9.06 -1.78 22.29
C GLY A 113 -9.64 -2.13 20.94
N ASN A 114 -10.96 -2.07 20.87
CA ASN A 114 -11.68 -2.39 19.65
C ASN A 114 -12.18 -1.11 18.97
N SER A 115 -11.64 -0.82 17.80
CA SER A 115 -12.04 0.36 17.04
C SER A 115 -11.89 1.60 17.93
N MET A 116 -13.00 2.27 18.25
CA MET A 116 -12.92 3.44 19.12
C MET A 116 -12.11 3.05 20.34
N GLY A 117 -12.25 1.80 20.76
CA GLY A 117 -11.52 1.32 21.92
C GLY A 117 -10.01 1.33 21.72
N GLY A 118 -9.57 1.04 20.49
CA GLY A 118 -8.15 1.05 20.18
C GLY A 118 -7.60 2.47 20.26
N HIS A 119 -8.36 3.41 19.70
N HIS A 119 -8.35 3.39 19.70
CA HIS A 119 -7.99 4.81 19.72
CA HIS A 119 -7.92 4.77 19.72
C HIS A 119 -7.83 5.21 21.17
C HIS A 119 -7.83 5.21 21.19
N SER A 120 -8.77 4.76 22.00
CA SER A 120 -8.78 5.06 23.44
C SER A 120 -7.60 4.45 24.19
N SER A 121 -7.27 3.18 23.90
CA SER A 121 -6.15 2.52 24.56
C SER A 121 -4.84 3.23 24.21
N VAL A 122 -4.72 3.70 22.97
CA VAL A 122 -3.52 4.43 22.58
C VAL A 122 -3.50 5.78 23.29
N ALA A 123 -4.65 6.45 23.37
CA ALA A 123 -4.70 7.73 24.06
C ALA A 123 -4.28 7.52 25.50
N PHE A 124 -4.79 6.45 26.12
CA PHE A 124 -4.45 6.15 27.51
C PHE A 124 -2.98 5.81 27.70
N THR A 125 -2.45 5.02 26.78
CA THR A 125 -1.06 4.59 26.84
C THR A 125 -0.11 5.75 26.62
N LEU A 126 -0.53 6.71 25.81
CA LEU A 126 0.28 7.88 25.51
C LEU A 126 0.36 8.78 26.73
N LYS A 127 -0.76 8.94 27.43
CA LYS A 127 -0.81 9.76 28.62
C LYS A 127 -0.22 9.11 29.88
N TRP A 128 -0.56 7.84 30.12
CA TRP A 128 -0.07 7.15 31.32
C TRP A 128 0.70 5.86 31.03
N PRO A 129 1.78 5.95 30.25
CA PRO A 129 2.59 4.78 29.89
C PRO A 129 2.95 3.88 31.07
N GLU A 130 3.07 4.45 32.26
CA GLU A 130 3.42 3.66 33.44
C GLU A 130 2.30 2.74 33.89
N ARG A 131 1.06 3.09 33.57
CA ARG A 131 -0.09 2.29 33.97
C ARG A 131 -0.46 1.13 33.03
N VAL A 132 0.23 0.99 31.90
CA VAL A 132 -0.12 -0.09 30.98
C VAL A 132 0.92 -1.17 30.80
N GLY A 133 0.46 -2.41 30.67
CA GLY A 133 1.35 -3.52 30.46
C GLY A 133 1.45 -3.73 28.96
N LYS A 134 0.63 -4.63 28.43
CA LYS A 134 0.65 -4.91 27.01
C LYS A 134 -0.48 -4.22 26.29
N LEU A 135 -0.26 -3.88 25.02
CA LEU A 135 -1.26 -3.19 24.22
C LEU A 135 -1.72 -4.01 23.01
N VAL A 136 -3.02 -4.26 22.95
CA VAL A 136 -3.64 -5.00 21.87
C VAL A 136 -4.68 -4.11 21.18
N LEU A 137 -4.49 -3.87 19.89
CA LEU A 137 -5.39 -3.00 19.12
C LEU A 137 -6.11 -3.80 18.04
N MET A 138 -7.42 -3.61 17.94
CA MET A 138 -8.22 -4.29 16.93
C MET A 138 -9.10 -3.35 16.14
N GLY A 139 -8.77 -3.19 14.86
CA GLY A 139 -9.55 -2.33 13.99
C GLY A 139 -9.56 -0.86 14.34
N GLY A 140 -8.59 -0.41 15.14
CA GLY A 140 -8.52 0.98 15.52
C GLY A 140 -7.23 1.31 16.25
N GLY A 141 -6.99 2.60 16.50
CA GLY A 141 -5.77 2.99 17.18
C GLY A 141 -5.28 4.40 16.94
N THR A 142 -5.36 4.87 15.69
CA THR A 142 -4.92 6.22 15.36
C THR A 142 -5.80 6.83 14.30
N GLY A 143 -6.06 8.13 14.41
CA GLY A 143 -6.88 8.79 13.41
C GLY A 143 -6.05 8.87 12.15
N GLY A 144 -6.40 9.77 11.25
CA GLY A 144 -5.61 9.89 10.04
C GLY A 144 -6.31 9.38 8.81
N MET A 145 -5.74 9.72 7.66
CA MET A 145 -6.31 9.31 6.38
C MET A 145 -5.81 7.97 5.91
N SER A 146 -6.64 7.26 5.16
CA SER A 146 -6.22 5.98 4.59
C SER A 146 -5.39 6.38 3.38
N LEU A 147 -4.54 5.50 2.89
CA LEU A 147 -3.74 5.85 1.71
C LEU A 147 -4.40 5.29 0.46
N PHE A 148 -5.21 4.25 0.64
CA PHE A 148 -5.83 3.58 -0.49
C PHE A 148 -7.35 3.55 -0.55
N THR A 149 -8.02 3.52 0.59
CA THR A 149 -9.48 3.41 0.61
C THR A 149 -10.25 4.72 0.75
N PRO A 150 -11.31 4.89 -0.05
CA PRO A 150 -12.15 6.09 -0.03
C PRO A 150 -12.81 6.33 1.34
N MET A 151 -12.78 7.59 1.77
CA MET A 151 -13.37 8.00 3.04
C MET A 151 -14.33 9.18 2.83
N PRO A 152 -15.46 9.20 3.56
CA PRO A 152 -15.87 8.21 4.56
C PRO A 152 -16.09 6.82 3.95
N THR A 153 -15.63 5.79 4.66
CA THR A 153 -15.75 4.42 4.19
C THR A 153 -17.20 3.97 4.04
N GLU A 154 -17.36 2.88 3.31
CA GLU A 154 -18.67 2.27 3.08
C GLU A 154 -19.32 1.97 4.44
N GLY A 155 -18.55 1.38 5.33
CA GLY A 155 -19.07 1.03 6.65
C GLY A 155 -19.48 2.22 7.51
N ILE A 156 -18.62 3.23 7.59
CA ILE A 156 -18.90 4.42 8.38
C ILE A 156 -20.14 5.20 7.93
N LYS A 157 -20.40 5.22 6.63
CA LYS A 157 -21.57 5.92 6.13
C LYS A 157 -22.83 5.28 6.71
N ARG A 158 -22.80 3.95 6.83
CA ARG A 158 -23.94 3.22 7.38
C ARG A 158 -24.04 3.32 8.90
N LEU A 159 -22.90 3.47 9.56
CA LEU A 159 -22.91 3.61 11.01
C LEU A 159 -23.52 4.96 11.34
N ASN A 160 -23.10 5.99 10.60
CA ASN A 160 -23.62 7.35 10.80
C ASN A 160 -25.10 7.44 10.44
N GLN A 161 -25.51 6.70 9.41
CA GLN A 161 -26.91 6.67 8.99
C GLN A 161 -27.76 6.02 10.09
N LEU A 162 -27.25 4.94 10.68
CA LEU A 162 -27.97 4.25 11.74
C LEU A 162 -28.19 5.18 12.93
N TYR A 163 -27.14 5.89 13.35
CA TYR A 163 -27.26 6.81 14.47
C TYR A 163 -28.35 7.86 14.22
N ARG A 164 -28.41 8.37 12.99
CA ARG A 164 -29.40 9.37 12.66
C ARG A 164 -30.81 8.81 12.57
N GLN A 165 -30.94 7.61 12.02
CA GLN A 165 -32.24 6.96 11.87
C GLN A 165 -32.16 5.52 12.38
N PRO A 166 -32.28 5.33 13.70
CA PRO A 166 -32.23 4.03 14.38
C PRO A 166 -33.36 3.07 14.03
N THR A 167 -33.27 2.45 12.86
CA THR A 167 -34.29 1.51 12.43
C THR A 167 -33.69 0.11 12.26
N ILE A 168 -34.51 -0.90 12.48
CA ILE A 168 -34.07 -2.29 12.34
C ILE A 168 -33.43 -2.51 10.99
N GLU A 169 -33.98 -1.87 9.96
CA GLU A 169 -33.45 -2.00 8.61
C GLU A 169 -32.02 -1.48 8.57
N ASN A 170 -31.80 -0.31 9.15
CA ASN A 170 -30.46 0.28 9.16
C ASN A 170 -29.48 -0.48 10.05
N LEU A 171 -29.97 -1.22 11.03
CA LEU A 171 -29.10 -1.99 11.91
C LEU A 171 -28.60 -3.20 11.13
N LYS A 172 -29.52 -3.85 10.41
CA LYS A 172 -29.17 -5.00 9.61
C LYS A 172 -28.21 -4.55 8.51
N LEU A 173 -28.50 -3.39 7.95
CA LEU A 173 -27.70 -2.82 6.87
C LEU A 173 -26.26 -2.58 7.33
N MET A 174 -26.09 -2.09 8.55
CA MET A 174 -24.76 -1.84 9.08
C MET A 174 -24.03 -3.14 9.35
N MET A 175 -24.71 -4.05 10.04
CA MET A 175 -24.13 -5.33 10.40
C MET A 175 -23.81 -6.20 9.19
N ASP A 176 -24.62 -6.08 8.14
CA ASP A 176 -24.41 -6.88 6.94
C ASP A 176 -23.02 -6.73 6.34
N ILE A 177 -22.42 -5.55 6.47
CA ILE A 177 -21.08 -5.31 5.95
C ILE A 177 -20.07 -5.12 7.09
N PHE A 178 -20.48 -5.44 8.29
CA PHE A 178 -19.63 -5.28 9.47
C PHE A 178 -18.74 -6.52 9.60
N VAL A 179 -19.23 -7.65 9.14
CA VAL A 179 -18.48 -8.90 9.21
C VAL A 179 -18.39 -9.54 7.82
N PHE A 180 -17.37 -10.37 7.63
CA PHE A 180 -17.13 -11.05 6.36
C PHE A 180 -18.18 -12.13 6.10
N ASP A 181 -18.49 -12.88 7.14
CA ASP A 181 -19.45 -13.97 7.02
C ASP A 181 -20.68 -13.66 7.89
N THR A 182 -21.72 -13.09 7.29
CA THR A 182 -22.91 -12.74 8.05
C THR A 182 -23.59 -13.95 8.69
N SER A 183 -23.24 -15.15 8.24
CA SER A 183 -23.81 -16.37 8.81
C SER A 183 -23.41 -16.44 10.27
N ASP A 184 -22.43 -15.63 10.64
CA ASP A 184 -21.96 -15.60 12.02
C ASP A 184 -22.98 -14.95 12.94
N LEU A 185 -23.40 -13.74 12.58
CA LEU A 185 -24.38 -13.01 13.39
C LEU A 185 -25.51 -13.90 13.86
N THR A 186 -25.84 -13.80 15.14
CA THR A 186 -26.90 -14.60 15.74
C THR A 186 -28.12 -13.73 16.03
N ASP A 187 -29.30 -14.36 16.02
CA ASP A 187 -30.51 -13.63 16.31
C ASP A 187 -30.33 -12.97 17.66
N ALA A 188 -29.66 -13.69 18.56
CA ALA A 188 -29.41 -13.21 19.91
C ALA A 188 -28.58 -11.94 19.91
N LEU A 189 -27.48 -11.96 19.16
CA LEU A 189 -26.60 -10.80 19.08
C LEU A 189 -27.37 -9.61 18.54
N PHE A 190 -28.12 -9.84 17.47
CA PHE A 190 -28.89 -8.77 16.85
C PHE A 190 -29.88 -8.18 17.83
N GLU A 191 -30.69 -9.04 18.46
CA GLU A 191 -31.69 -8.56 19.41
C GLU A 191 -31.07 -7.78 20.55
N ALA A 192 -29.94 -8.23 21.08
CA ALA A 192 -29.30 -7.52 22.17
C ALA A 192 -28.82 -6.15 21.70
N ARG A 193 -28.38 -6.10 20.44
CA ARG A 193 -27.91 -4.85 19.84
C ARG A 193 -29.08 -3.88 19.75
N LEU A 194 -30.18 -4.38 19.19
CA LEU A 194 -31.40 -3.60 19.02
C LEU A 194 -31.84 -3.03 20.37
N ASN A 195 -31.85 -3.88 21.38
CA ASN A 195 -32.23 -3.45 22.72
C ASN A 195 -31.35 -2.33 23.24
N ASN A 196 -30.03 -2.51 23.15
CA ASN A 196 -29.10 -1.49 23.62
C ASN A 196 -29.25 -0.19 22.84
N MET A 197 -29.63 -0.32 21.57
CA MET A 197 -29.81 0.84 20.73
C MET A 197 -31.09 1.60 21.11
N LEU A 198 -32.25 0.98 20.89
CA LEU A 198 -33.52 1.62 21.20
C LEU A 198 -33.68 2.00 22.67
N SER A 199 -33.03 1.24 23.54
CA SER A 199 -33.09 1.51 24.97
C SER A 199 -32.64 2.92 25.33
N ARG A 200 -31.47 3.33 24.84
CA ARG A 200 -30.92 4.65 25.14
C ARG A 200 -30.84 5.60 23.96
N ARG A 201 -31.98 6.17 23.56
CA ARG A 201 -32.00 7.10 22.44
C ARG A 201 -31.24 8.38 22.79
N ASP A 202 -30.96 8.59 24.07
CA ASP A 202 -30.21 9.78 24.46
C ASP A 202 -28.78 9.64 23.94
N HIS A 203 -28.26 8.42 24.00
CA HIS A 203 -26.90 8.13 23.51
C HIS A 203 -26.84 8.37 21.99
N LEU A 204 -27.83 7.86 21.28
CA LEU A 204 -27.87 8.01 19.83
C LEU A 204 -27.91 9.48 19.44
N GLU A 205 -28.75 10.24 20.15
CA GLU A 205 -28.88 11.68 19.88
C GLU A 205 -27.61 12.44 20.21
N ASN A 206 -26.96 12.08 21.32
CA ASN A 206 -25.73 12.76 21.71
C ASN A 206 -24.56 12.43 20.80
N PHE A 207 -24.60 11.27 20.14
CA PHE A 207 -23.52 10.88 19.24
C PHE A 207 -23.57 11.79 18.02
N VAL A 208 -24.78 12.00 17.51
CA VAL A 208 -25.00 12.85 16.35
C VAL A 208 -24.66 14.29 16.69
N LYS A 209 -25.00 14.72 17.90
CA LYS A 209 -24.71 16.09 18.34
C LYS A 209 -23.21 16.28 18.47
N SER A 210 -22.53 15.27 19.00
CA SER A 210 -21.07 15.33 19.17
C SER A 210 -20.41 15.49 17.80
N LEU A 211 -20.92 14.74 16.84
CA LEU A 211 -20.41 14.78 15.48
C LEU A 211 -20.62 16.18 14.92
N GLU A 212 -21.77 16.77 15.26
CA GLU A 212 -22.10 18.11 14.79
C GLU A 212 -21.18 19.13 15.45
N ALA A 213 -20.89 18.89 16.72
CA ALA A 213 -20.03 19.77 17.50
C ALA A 213 -18.57 19.65 17.09
N ASN A 214 -18.12 18.41 16.86
CA ASN A 214 -16.74 18.15 16.47
C ASN A 214 -16.65 16.99 15.47
N PRO A 215 -16.44 17.30 14.19
CA PRO A 215 -16.34 16.30 13.13
C PRO A 215 -15.17 15.33 13.29
N LYS A 216 -14.11 15.76 13.95
CA LYS A 216 -12.94 14.92 14.16
C LYS A 216 -12.88 14.49 15.61
N GLN A 217 -13.58 13.40 15.92
CA GLN A 217 -13.65 12.86 17.28
C GLN A 217 -12.36 12.19 17.71
N PHE A 218 -11.60 11.68 16.75
CA PHE A 218 -10.36 11.00 17.04
C PHE A 218 -9.12 11.72 16.49
N PRO A 219 -8.20 12.11 17.37
CA PRO A 219 -7.00 12.80 16.91
C PRO A 219 -6.06 11.84 16.18
N ASP A 220 -5.23 12.38 15.28
CA ASP A 220 -4.28 11.56 14.56
C ASP A 220 -3.02 11.43 15.43
N PHE A 221 -2.84 10.26 16.06
CA PHE A 221 -1.68 10.03 16.93
C PHE A 221 -0.42 9.58 16.20
N GLY A 222 -0.47 9.57 14.87
CA GLY A 222 0.69 9.13 14.08
C GLY A 222 2.04 9.64 14.54
N PRO A 223 2.26 10.96 14.55
CA PRO A 223 3.54 11.55 14.97
C PRO A 223 4.05 11.13 16.35
N ARG A 224 3.15 10.74 17.25
CA ARG A 224 3.54 10.34 18.60
C ARG A 224 3.68 8.84 18.83
N LEU A 225 3.30 8.03 17.84
CA LEU A 225 3.40 6.60 18.00
C LEU A 225 4.77 6.12 18.49
N ALA A 226 5.82 6.88 18.21
CA ALA A 226 7.16 6.51 18.63
C ALA A 226 7.31 6.59 20.16
N GLU A 227 6.36 7.24 20.82
CA GLU A 227 6.43 7.35 22.27
C GLU A 227 6.07 6.05 22.97
N ILE A 228 5.24 5.24 22.30
CA ILE A 228 4.78 3.96 22.86
C ILE A 228 5.87 2.94 23.06
N LYS A 229 6.02 2.48 24.30
CA LYS A 229 7.02 1.48 24.66
C LYS A 229 6.36 0.14 24.99
N ALA A 230 5.05 0.14 25.13
CA ALA A 230 4.30 -1.07 25.43
C ALA A 230 4.42 -2.12 24.31
N GLN A 231 4.60 -3.39 24.69
CA GLN A 231 4.66 -4.46 23.70
C GLN A 231 3.27 -4.39 23.09
N THR A 232 3.21 -4.18 21.77
CA THR A 232 1.92 -4.03 21.11
C THR A 232 1.59 -5.09 20.06
N LEU A 233 0.33 -5.52 20.05
CA LEU A 233 -0.18 -6.51 19.10
C LEU A 233 -1.34 -5.84 18.38
N ILE A 234 -1.30 -5.84 17.05
CA ILE A 234 -2.35 -5.22 16.25
C ILE A 234 -3.05 -6.31 15.46
N VAL A 235 -4.38 -6.29 15.49
CA VAL A 235 -5.20 -7.29 14.79
C VAL A 235 -6.15 -6.58 13.83
N TRP A 236 -6.34 -7.18 12.65
CA TRP A 236 -7.19 -6.56 11.65
C TRP A 236 -7.81 -7.54 10.65
N GLY A 237 -8.90 -7.11 10.04
CA GLY A 237 -9.55 -7.92 9.03
C GLY A 237 -9.22 -7.30 7.70
N ARG A 238 -8.69 -8.09 6.79
CA ARG A 238 -8.34 -7.60 5.46
C ARG A 238 -9.55 -6.94 4.78
N ASN A 239 -10.73 -7.52 5.00
CA ASN A 239 -11.96 -7.02 4.39
C ASN A 239 -12.79 -6.11 5.28
N ASP A 240 -12.11 -5.40 6.17
CA ASP A 240 -12.76 -4.45 7.07
C ASP A 240 -13.27 -3.29 6.20
N ARG A 241 -14.59 -3.10 6.13
CA ARG A 241 -15.17 -2.03 5.32
C ARG A 241 -15.47 -0.75 6.11
N PHE A 242 -15.11 -0.74 7.38
CA PHE A 242 -15.33 0.42 8.23
C PHE A 242 -14.04 1.20 8.42
N VAL A 243 -12.97 0.51 8.82
CA VAL A 243 -11.66 1.15 8.99
C VAL A 243 -10.64 0.38 8.14
N PRO A 244 -10.10 1.04 7.09
CA PRO A 244 -9.12 0.47 6.17
C PRO A 244 -7.96 -0.24 6.85
N MET A 245 -7.60 -1.39 6.33
CA MET A 245 -6.51 -2.19 6.88
C MET A 245 -5.16 -1.46 6.90
N ASP A 246 -4.92 -0.55 5.97
CA ASP A 246 -3.62 0.12 6.00
C ASP A 246 -3.45 0.96 7.27
N ALA A 247 -4.55 1.16 8.01
CA ALA A 247 -4.45 1.89 9.27
C ALA A 247 -3.66 0.97 10.22
N GLY A 248 -3.86 -0.34 10.04
CA GLY A 248 -3.15 -1.32 10.86
C GLY A 248 -1.67 -1.30 10.53
N LEU A 249 -1.37 -1.06 9.26
CA LEU A 249 0.01 -0.97 8.78
C LEU A 249 0.70 0.25 9.41
N ARG A 250 -0.05 1.35 9.53
CA ARG A 250 0.48 2.58 10.11
C ARG A 250 0.85 2.35 11.57
N LEU A 251 -0.03 1.69 12.31
CA LEU A 251 0.21 1.40 13.72
C LEU A 251 1.47 0.55 13.82
N LEU A 252 1.57 -0.42 12.92
CA LEU A 252 2.70 -1.34 12.85
C LEU A 252 4.01 -0.59 12.62
N SER A 253 4.04 0.28 11.61
CA SER A 253 5.26 1.04 11.32
C SER A 253 5.62 2.02 12.43
N GLY A 254 4.60 2.63 13.03
CA GLY A 254 4.83 3.61 14.08
C GLY A 254 5.18 3.12 15.47
N ILE A 255 4.71 1.93 15.85
CA ILE A 255 4.98 1.41 17.18
C ILE A 255 6.10 0.36 17.19
N ALA A 256 7.26 0.76 17.71
CA ALA A 256 8.43 -0.13 17.78
C ALA A 256 8.14 -1.45 18.51
N GLY A 257 8.70 -2.53 17.99
CA GLY A 257 8.52 -3.85 18.56
C GLY A 257 7.14 -4.47 18.41
N SER A 258 6.24 -3.77 17.74
CA SER A 258 4.87 -4.27 17.57
C SER A 258 4.76 -5.42 16.55
N GLU A 259 3.60 -6.06 16.57
CA GLU A 259 3.31 -7.15 15.66
C GLU A 259 1.91 -6.94 15.10
N LEU A 260 1.71 -7.33 13.85
CA LEU A 260 0.39 -7.18 13.22
C LEU A 260 -0.09 -8.52 12.68
N HIS A 261 -1.33 -8.88 13.00
CA HIS A 261 -1.88 -10.13 12.52
C HIS A 261 -3.15 -9.78 11.74
N ILE A 262 -3.18 -10.14 10.47
CA ILE A 262 -4.35 -9.84 9.64
C ILE A 262 -5.09 -11.11 9.23
N PHE A 263 -6.40 -11.09 9.40
CA PHE A 263 -7.26 -12.21 8.99
C PHE A 263 -7.82 -11.81 7.63
N ARG A 264 -7.62 -12.65 6.60
CA ARG A 264 -8.11 -12.31 5.27
C ARG A 264 -9.64 -12.23 5.22
N ASP A 265 -10.31 -13.34 5.50
CA ASP A 265 -11.76 -13.39 5.44
C ASP A 265 -12.30 -12.89 6.77
N CYS A 266 -12.13 -11.59 6.97
CA CYS A 266 -12.56 -10.97 8.20
C CYS A 266 -12.96 -9.54 7.95
N GLY A 267 -14.00 -9.10 8.66
CA GLY A 267 -14.48 -7.73 8.54
C GLY A 267 -13.92 -6.87 9.65
N HIS A 268 -14.78 -6.03 10.22
CA HIS A 268 -14.39 -5.09 11.27
C HIS A 268 -14.51 -5.60 12.71
N TRP A 269 -14.73 -6.90 12.88
CA TRP A 269 -14.91 -7.42 14.23
C TRP A 269 -14.22 -8.76 14.42
N ALA A 270 -12.90 -8.75 14.23
CA ALA A 270 -12.07 -9.94 14.34
C ALA A 270 -12.14 -10.70 15.67
N GLN A 271 -12.28 -9.98 16.78
CA GLN A 271 -12.35 -10.63 18.09
C GLN A 271 -13.54 -11.58 18.12
N TRP A 272 -14.53 -11.27 17.30
CA TRP A 272 -15.73 -12.08 17.24
C TRP A 272 -15.70 -13.05 16.06
N GLU A 273 -15.40 -12.52 14.87
CA GLU A 273 -15.37 -13.34 13.67
C GLU A 273 -14.37 -14.48 13.73
N HIS A 274 -13.21 -14.21 14.32
CA HIS A 274 -12.16 -15.22 14.46
C HIS A 274 -11.83 -15.38 15.95
N ALA A 275 -12.87 -15.38 16.77
CA ALA A 275 -12.74 -15.50 18.22
C ALA A 275 -11.72 -16.51 18.71
N ASP A 276 -11.84 -17.76 18.28
CA ASP A 276 -10.89 -18.77 18.73
C ASP A 276 -9.43 -18.38 18.49
N ALA A 277 -9.09 -18.12 17.23
CA ALA A 277 -7.72 -17.75 16.87
C ALA A 277 -7.28 -16.46 17.54
N PHE A 278 -8.22 -15.51 17.66
CA PHE A 278 -7.92 -14.23 18.29
C PHE A 278 -7.59 -14.44 19.77
N ASN A 279 -8.45 -15.16 20.47
CA ASN A 279 -8.23 -15.42 21.89
C ASN A 279 -6.89 -16.10 22.09
N GLN A 280 -6.57 -17.03 21.20
CA GLN A 280 -5.31 -17.76 21.27
C GLN A 280 -4.14 -16.78 21.10
N LEU A 281 -4.24 -15.90 20.10
CA LEU A 281 -3.20 -14.90 19.84
C LEU A 281 -2.99 -14.02 21.08
N VAL A 282 -4.08 -13.49 21.61
CA VAL A 282 -4.03 -12.61 22.79
C VAL A 282 -3.47 -13.30 24.02
N LEU A 283 -3.98 -14.48 24.33
CA LEU A 283 -3.50 -15.22 25.49
C LEU A 283 -2.00 -15.46 25.38
N ASN A 284 -1.54 -15.90 24.21
CA ASN A 284 -0.11 -16.11 24.01
C ASN A 284 0.61 -14.80 24.24
N PHE A 285 0.11 -13.75 23.61
CA PHE A 285 0.71 -12.43 23.71
C PHE A 285 0.79 -11.97 25.15
N LEU A 286 -0.36 -11.96 25.80
CA LEU A 286 -0.46 -11.55 27.20
C LEU A 286 0.46 -12.36 28.11
N ALA A 287 0.81 -13.58 27.70
CA ALA A 287 1.68 -14.44 28.50
C ALA A 287 3.17 -14.21 28.30
N ARG A 288 3.54 -13.35 27.36
CA ARG A 288 4.96 -13.11 27.11
C ARG A 288 5.53 -12.34 28.28
N PRO A 289 6.84 -12.47 28.53
CA PRO A 289 7.41 -11.70 29.64
C PRO A 289 7.35 -10.22 29.31
N TYR B 4 -14.59 25.63 -36.59
CA TYR B 4 -14.72 24.23 -36.10
C TYR B 4 -15.96 24.02 -35.24
N GLN B 5 -16.76 23.01 -35.59
CA GLN B 5 -17.96 22.70 -34.84
C GLN B 5 -17.81 21.35 -34.17
N PRO B 6 -18.26 21.23 -32.91
CA PRO B 6 -18.15 19.97 -32.19
C PRO B 6 -18.77 18.78 -32.94
N GLN B 7 -18.24 17.59 -32.67
CA GLN B 7 -18.70 16.35 -33.29
C GLN B 7 -20.09 15.99 -32.77
N THR B 8 -20.83 15.18 -33.53
CA THR B 8 -22.16 14.75 -33.10
C THR B 8 -22.28 13.25 -33.27
N GLU B 9 -23.03 12.62 -32.36
CA GLU B 9 -23.23 11.17 -32.40
C GLU B 9 -23.89 10.76 -33.71
N ALA B 10 -24.95 11.46 -34.06
CA ALA B 10 -25.70 11.18 -35.29
C ALA B 10 -24.84 11.12 -36.55
N ALA B 11 -24.13 12.21 -36.82
CA ALA B 11 -23.30 12.31 -38.01
C ALA B 11 -22.11 11.35 -38.06
N THR B 12 -21.51 11.07 -36.91
CA THR B 12 -20.34 10.19 -36.85
C THR B 12 -20.70 8.71 -36.72
N SER B 13 -21.97 8.43 -36.45
CA SER B 13 -22.44 7.07 -36.27
C SER B 13 -22.19 6.16 -37.48
N ARG B 14 -21.67 4.97 -37.21
CA ARG B 14 -21.38 3.97 -38.24
C ARG B 14 -21.65 2.56 -37.74
N PHE B 15 -21.69 1.60 -38.67
CA PHE B 15 -21.93 0.19 -38.35
C PHE B 15 -21.01 -0.70 -39.17
N LEU B 16 -20.81 -1.92 -38.69
CA LEU B 16 -19.96 -2.89 -39.37
C LEU B 16 -20.23 -4.26 -38.76
N ASN B 17 -20.15 -5.31 -39.58
CA ASN B 17 -20.39 -6.66 -39.10
C ASN B 17 -19.10 -7.37 -38.75
N VAL B 18 -19.12 -8.08 -37.63
CA VAL B 18 -17.93 -8.79 -37.17
C VAL B 18 -18.22 -10.27 -36.93
N GLU B 19 -17.26 -11.11 -37.29
CA GLU B 19 -17.37 -12.55 -37.10
C GLU B 19 -16.83 -12.90 -35.73
N GLU B 20 -17.72 -13.30 -34.82
CA GLU B 20 -17.33 -13.67 -33.47
C GLU B 20 -18.04 -14.94 -33.03
N ALA B 21 -17.28 -16.03 -32.92
CA ALA B 21 -17.83 -17.31 -32.50
C ALA B 21 -18.86 -17.82 -33.51
N GLY B 22 -18.41 -18.10 -34.73
CA GLY B 22 -19.28 -18.61 -35.77
C GLY B 22 -20.47 -17.76 -36.17
N LYS B 23 -20.81 -16.75 -35.37
CA LYS B 23 -21.93 -15.89 -35.69
C LYS B 23 -21.48 -14.54 -36.27
N THR B 24 -22.44 -13.74 -36.69
CA THR B 24 -22.18 -12.42 -37.24
C THR B 24 -22.99 -11.42 -36.43
N LEU B 25 -22.32 -10.47 -35.80
CA LEU B 25 -23.00 -9.47 -35.00
C LEU B 25 -22.71 -8.05 -35.47
N ARG B 26 -23.75 -7.23 -35.45
CA ARG B 26 -23.69 -5.84 -35.88
C ARG B 26 -23.04 -4.96 -34.80
N ILE B 27 -21.87 -4.42 -35.10
CA ILE B 27 -21.16 -3.58 -34.16
C ILE B 27 -21.26 -2.09 -34.50
N HIS B 28 -21.58 -1.27 -33.51
CA HIS B 28 -21.69 0.17 -33.71
C HIS B 28 -20.50 0.92 -33.11
N PHE B 29 -20.16 2.04 -33.72
CA PHE B 29 -19.05 2.87 -33.26
C PHE B 29 -19.12 4.20 -33.98
N ASN B 30 -18.59 5.25 -33.36
CA ASN B 30 -18.59 6.56 -34.00
C ASN B 30 -17.23 6.89 -34.57
N ASP B 31 -17.23 7.39 -35.80
CA ASP B 31 -15.98 7.75 -36.47
C ASP B 31 -15.96 9.28 -36.55
N CYS B 32 -14.96 9.90 -35.94
CA CYS B 32 -14.82 11.35 -35.91
C CYS B 32 -13.48 11.77 -36.49
N GLY B 33 -13.46 12.93 -37.15
CA GLY B 33 -12.23 13.41 -37.75
C GLY B 33 -11.83 12.48 -38.87
N GLN B 34 -10.53 12.46 -39.19
CA GLN B 34 -10.03 11.59 -40.25
C GLN B 34 -8.51 11.50 -40.25
N GLY B 35 -7.96 10.77 -41.22
CA GLY B 35 -6.52 10.62 -41.30
C GLY B 35 -6.08 9.27 -40.75
N ASP B 36 -4.79 8.97 -40.88
CA ASP B 36 -4.26 7.70 -40.40
C ASP B 36 -4.05 7.61 -38.88
N GLU B 37 -3.43 8.64 -38.27
CA GLU B 37 -3.22 8.62 -36.82
C GLU B 37 -4.57 8.59 -36.09
N THR B 38 -4.87 7.45 -35.48
CA THR B 38 -6.14 7.26 -34.81
C THR B 38 -6.10 6.95 -33.32
N VAL B 39 -7.14 7.38 -32.63
CA VAL B 39 -7.31 7.15 -31.19
C VAL B 39 -8.63 6.45 -30.94
N VAL B 40 -8.57 5.24 -30.38
CA VAL B 40 -9.77 4.47 -30.09
C VAL B 40 -10.13 4.60 -28.61
N LEU B 41 -11.39 4.97 -28.37
CA LEU B 41 -11.91 5.13 -27.02
C LEU B 41 -12.88 4.00 -26.68
N LEU B 42 -12.62 3.30 -25.57
CA LEU B 42 -13.47 2.18 -25.14
C LEU B 42 -14.15 2.42 -23.80
N HIS B 43 -15.47 2.53 -23.85
CA HIS B 43 -16.33 2.78 -22.68
C HIS B 43 -16.25 1.75 -21.57
N GLY B 44 -16.87 2.08 -20.44
CA GLY B 44 -16.88 1.20 -19.27
C GLY B 44 -17.99 0.17 -19.29
N SER B 45 -18.12 -0.58 -18.20
CA SER B 45 -19.15 -1.62 -18.11
C SER B 45 -20.43 -1.16 -17.45
N GLY B 46 -20.60 0.15 -17.29
CA GLY B 46 -21.80 0.65 -16.66
C GLY B 46 -23.09 0.33 -17.39
N PRO B 47 -24.23 0.23 -16.67
CA PRO B 47 -25.49 -0.07 -17.34
C PRO B 47 -25.92 1.11 -18.21
N GLY B 48 -26.04 0.88 -19.50
CA GLY B 48 -26.45 1.95 -20.39
C GLY B 48 -25.31 2.81 -20.89
N ALA B 49 -24.08 2.37 -20.63
CA ALA B 49 -22.93 3.11 -21.08
C ALA B 49 -22.77 2.96 -22.58
N THR B 50 -22.26 3.98 -23.23
CA THR B 50 -22.02 3.95 -24.66
C THR B 50 -20.69 4.66 -24.84
N GLY B 51 -20.02 4.40 -25.95
CA GLY B 51 -18.76 5.06 -26.18
C GLY B 51 -18.94 6.57 -26.13
N TRP B 52 -20.00 7.05 -26.78
CA TRP B 52 -20.25 8.47 -26.83
C TRP B 52 -20.61 9.08 -25.47
N ALA B 53 -21.37 8.35 -24.66
CA ALA B 53 -21.76 8.87 -23.35
C ALA B 53 -20.56 8.95 -22.41
N ASN B 54 -19.73 7.89 -22.41
CA ASN B 54 -18.55 7.85 -21.54
C ASN B 54 -17.55 8.97 -21.83
N PHE B 55 -17.31 9.24 -23.11
CA PHE B 55 -16.31 10.22 -23.51
C PHE B 55 -16.79 11.55 -24.11
N SER B 56 -18.06 11.89 -23.95
CA SER B 56 -18.58 13.12 -24.53
C SER B 56 -17.70 14.36 -24.35
N ARG B 57 -17.09 14.50 -23.17
CA ARG B 57 -16.25 15.65 -22.89
C ARG B 57 -14.80 15.51 -23.32
N ASN B 58 -14.45 14.42 -23.98
CA ASN B 58 -13.06 14.24 -24.40
C ASN B 58 -12.90 14.07 -25.90
N ILE B 59 -14.00 14.10 -26.64
CA ILE B 59 -13.92 13.90 -28.08
C ILE B 59 -13.35 15.06 -28.91
N ASP B 60 -13.98 16.23 -28.83
CA ASP B 60 -13.51 17.36 -29.62
C ASP B 60 -12.05 17.73 -29.42
N PRO B 61 -11.56 17.77 -28.17
CA PRO B 61 -10.16 18.12 -27.97
C PRO B 61 -9.23 17.24 -28.79
N LEU B 62 -9.54 15.94 -28.85
CA LEU B 62 -8.73 15.00 -29.63
C LEU B 62 -8.84 15.28 -31.14
N VAL B 63 -10.07 15.45 -31.62
CA VAL B 63 -10.27 15.70 -33.04
C VAL B 63 -9.59 17.00 -33.46
N GLU B 64 -9.85 18.07 -32.72
CA GLU B 64 -9.25 19.36 -33.03
C GLU B 64 -7.74 19.30 -33.04
N ALA B 65 -7.17 18.36 -32.30
CA ALA B 65 -5.72 18.22 -32.25
C ALA B 65 -5.23 17.45 -33.47
N GLY B 66 -6.17 16.95 -34.27
CA GLY B 66 -5.79 16.23 -35.46
C GLY B 66 -5.85 14.71 -35.44
N TYR B 67 -6.60 14.13 -34.50
CA TYR B 67 -6.69 12.68 -34.42
C TYR B 67 -8.00 12.17 -34.97
N ARG B 68 -7.95 11.00 -35.59
CA ARG B 68 -9.17 10.38 -36.07
C ARG B 68 -9.63 9.71 -34.77
N VAL B 69 -10.88 9.86 -34.41
CA VAL B 69 -11.38 9.28 -33.17
C VAL B 69 -12.51 8.27 -33.37
N ILE B 70 -12.34 7.07 -32.80
CA ILE B 70 -13.34 6.03 -32.91
C ILE B 70 -13.79 5.54 -31.53
N LEU B 71 -15.07 5.71 -31.23
CA LEU B 71 -15.63 5.27 -29.97
C LEU B 71 -16.47 4.01 -30.23
N LEU B 72 -15.85 2.86 -30.00
CA LEU B 72 -16.48 1.56 -30.21
C LEU B 72 -17.43 1.16 -29.10
N ASP B 73 -18.66 0.78 -29.47
CA ASP B 73 -19.61 0.31 -28.48
C ASP B 73 -19.43 -1.20 -28.51
N CYS B 74 -18.89 -1.74 -27.43
CA CYS B 74 -18.65 -3.17 -27.34
C CYS B 74 -19.96 -3.95 -27.32
N PRO B 75 -19.99 -5.12 -27.97
CA PRO B 75 -21.22 -5.91 -27.97
C PRO B 75 -21.79 -6.05 -26.57
N GLY B 76 -23.09 -5.81 -26.43
CA GLY B 76 -23.74 -5.91 -25.14
C GLY B 76 -23.97 -4.52 -24.58
N TRP B 77 -23.59 -3.52 -25.37
CA TRP B 77 -23.73 -2.12 -24.97
C TRP B 77 -24.11 -1.27 -26.17
N GLY B 78 -24.83 -0.18 -25.91
CA GLY B 78 -25.20 0.73 -26.98
C GLY B 78 -26.02 0.14 -28.12
N LYS B 79 -25.78 0.67 -29.32
CA LYS B 79 -26.50 0.24 -30.51
C LYS B 79 -25.98 -1.04 -31.13
N SER B 80 -24.89 -1.57 -30.59
CA SER B 80 -24.32 -2.80 -31.12
C SER B 80 -25.17 -3.98 -30.66
N ASP B 81 -25.05 -5.10 -31.37
CA ASP B 81 -25.80 -6.30 -31.02
C ASP B 81 -25.43 -6.69 -29.59
N SER B 82 -26.37 -7.30 -28.88
CA SER B 82 -26.10 -7.72 -27.53
C SER B 82 -25.35 -9.05 -27.61
N VAL B 83 -25.06 -9.65 -26.47
CA VAL B 83 -24.35 -10.93 -26.47
C VAL B 83 -24.15 -11.44 -25.05
N VAL B 84 -23.97 -12.75 -24.93
CA VAL B 84 -23.74 -13.36 -23.63
C VAL B 84 -22.30 -13.87 -23.67
N ASN B 85 -21.49 -13.39 -22.73
CA ASN B 85 -20.08 -13.77 -22.65
C ASN B 85 -19.82 -14.71 -21.49
N SER B 86 -19.21 -15.85 -21.76
CA SER B 86 -18.88 -16.82 -20.72
C SER B 86 -17.38 -16.96 -20.64
N GLY B 87 -16.68 -16.20 -21.48
CA GLY B 87 -15.23 -16.24 -21.50
C GLY B 87 -14.65 -14.88 -21.14
N SER B 88 -13.45 -14.60 -21.62
CA SER B 88 -12.78 -13.33 -21.35
C SER B 88 -13.46 -12.15 -22.05
N ARG B 89 -14.15 -11.34 -21.27
CA ARG B 89 -14.84 -10.17 -21.80
C ARG B 89 -13.83 -9.26 -22.49
N SER B 90 -12.71 -9.01 -21.81
CA SER B 90 -11.64 -8.16 -22.33
C SER B 90 -11.16 -8.62 -23.71
N ASP B 91 -10.93 -9.91 -23.86
CA ASP B 91 -10.44 -10.44 -25.13
C ASP B 91 -11.52 -10.39 -26.22
N LEU B 92 -12.78 -10.53 -25.81
CA LEU B 92 -13.88 -10.45 -26.76
C LEU B 92 -13.93 -9.05 -27.36
N ASN B 93 -13.82 -8.03 -26.49
CA ASN B 93 -13.86 -6.66 -26.95
C ASN B 93 -12.66 -6.38 -27.83
N ALA B 94 -11.52 -6.97 -27.47
CA ALA B 94 -10.29 -6.78 -28.23
C ALA B 94 -10.35 -7.54 -29.56
N ARG B 95 -11.12 -8.63 -29.58
CA ARG B 95 -11.26 -9.44 -30.79
C ARG B 95 -12.09 -8.64 -31.78
N ILE B 96 -13.15 -8.01 -31.28
CA ILE B 96 -14.02 -7.20 -32.09
C ILE B 96 -13.25 -6.02 -32.67
N LEU B 97 -12.60 -5.25 -31.80
CA LEU B 97 -11.84 -4.08 -32.24
C LEU B 97 -10.87 -4.44 -33.36
N LYS B 98 -10.22 -5.59 -33.23
CA LYS B 98 -9.26 -6.03 -34.23
C LYS B 98 -9.90 -6.05 -35.61
N SER B 99 -11.09 -6.65 -35.70
CA SER B 99 -11.81 -6.75 -36.95
C SER B 99 -12.12 -5.37 -37.53
N VAL B 100 -12.75 -4.52 -36.72
CA VAL B 100 -13.09 -3.17 -37.16
C VAL B 100 -11.87 -2.43 -37.71
N VAL B 101 -10.78 -2.46 -36.94
CA VAL B 101 -9.55 -1.81 -37.36
C VAL B 101 -9.00 -2.41 -38.65
N ASP B 102 -9.13 -3.73 -38.81
CA ASP B 102 -8.66 -4.40 -40.02
C ASP B 102 -9.50 -3.95 -41.21
N GLN B 103 -10.82 -3.95 -41.01
CA GLN B 103 -11.75 -3.54 -42.05
C GLN B 103 -11.58 -2.08 -42.42
N LEU B 104 -11.33 -1.24 -41.43
CA LEU B 104 -11.13 0.18 -41.69
C LEU B 104 -9.71 0.39 -42.21
N ASP B 105 -8.98 -0.70 -42.37
CA ASP B 105 -7.62 -0.66 -42.88
C ASP B 105 -6.75 0.32 -42.07
N ILE B 106 -6.96 0.34 -40.75
CA ILE B 106 -6.22 1.23 -39.86
C ILE B 106 -4.98 0.49 -39.35
N ALA B 107 -3.80 0.98 -39.70
CA ALA B 107 -2.54 0.34 -39.33
C ALA B 107 -2.15 0.41 -37.85
N LYS B 108 -2.30 1.58 -37.24
CA LYS B 108 -1.94 1.77 -35.84
C LYS B 108 -2.99 2.56 -35.07
N ILE B 109 -3.14 2.24 -33.79
CA ILE B 109 -4.11 2.95 -32.97
C ILE B 109 -3.63 3.24 -31.56
N HIS B 110 -4.16 4.33 -31.01
CA HIS B 110 -3.87 4.73 -29.65
C HIS B 110 -5.11 4.26 -28.90
N LEU B 111 -4.93 3.87 -27.65
CA LEU B 111 -6.05 3.39 -26.86
C LEU B 111 -6.27 4.22 -25.61
N LEU B 112 -7.54 4.48 -25.32
CA LEU B 112 -7.95 5.19 -24.13
C LEU B 112 -9.02 4.28 -23.57
N GLY B 113 -8.64 3.45 -22.61
CA GLY B 113 -9.58 2.52 -22.03
C GLY B 113 -10.07 2.88 -20.64
N ASN B 114 -11.39 2.98 -20.51
CA ASN B 114 -12.03 3.32 -19.25
C ASN B 114 -12.64 2.08 -18.61
N SER B 115 -12.21 1.76 -17.38
CA SER B 115 -12.71 0.59 -16.64
C SER B 115 -12.65 -0.65 -17.52
N MET B 116 -13.81 -1.18 -17.92
CA MET B 116 -13.83 -2.34 -18.79
C MET B 116 -12.97 -2.04 -20.03
N GLY B 117 -13.05 -0.80 -20.51
CA GLY B 117 -12.28 -0.40 -21.67
C GLY B 117 -10.79 -0.53 -21.42
N GLY B 118 -10.39 -0.27 -20.18
CA GLY B 118 -8.98 -0.36 -19.83
C GLY B 118 -8.50 -1.78 -19.96
N HIS B 119 -9.28 -2.71 -19.42
N HIS B 119 -9.27 -2.72 -19.43
CA HIS B 119 -8.94 -4.13 -19.47
CA HIS B 119 -8.91 -4.13 -19.48
C HIS B 119 -8.88 -4.60 -20.91
C HIS B 119 -8.88 -4.61 -20.92
N SER B 120 -9.78 -4.07 -21.74
CA SER B 120 -9.86 -4.42 -23.15
C SER B 120 -8.67 -3.86 -23.95
N SER B 121 -8.20 -2.68 -23.57
CA SER B 121 -7.07 -2.08 -24.27
C SER B 121 -5.82 -2.88 -23.98
N VAL B 122 -5.67 -3.32 -22.73
CA VAL B 122 -4.50 -4.11 -22.35
C VAL B 122 -4.55 -5.45 -23.08
N ALA B 123 -5.75 -6.01 -23.19
CA ALA B 123 -5.92 -7.28 -23.88
C ALA B 123 -5.53 -7.13 -25.34
N PHE B 124 -5.98 -6.06 -25.98
CA PHE B 124 -5.67 -5.80 -27.38
C PHE B 124 -4.17 -5.59 -27.59
N THR B 125 -3.53 -4.89 -26.66
CA THR B 125 -2.10 -4.61 -26.74
C THR B 125 -1.23 -5.85 -26.57
N LEU B 126 -1.64 -6.76 -25.69
CA LEU B 126 -0.90 -8.00 -25.43
C LEU B 126 -0.94 -8.89 -26.66
N LYS B 127 -2.11 -8.96 -27.29
CA LYS B 127 -2.32 -9.78 -28.47
C LYS B 127 -1.71 -9.19 -29.74
N TRP B 128 -1.97 -7.91 -30.01
CA TRP B 128 -1.44 -7.25 -31.20
C TRP B 128 -0.64 -6.00 -30.86
N PRO B 129 0.48 -6.16 -30.15
CA PRO B 129 1.28 -4.98 -29.79
C PRO B 129 1.69 -4.12 -30.99
N GLU B 130 1.87 -4.75 -32.14
CA GLU B 130 2.28 -4.04 -33.34
C GLU B 130 1.25 -3.04 -33.87
N ARG B 131 -0.03 -3.24 -33.53
CA ARG B 131 -1.09 -2.35 -33.99
C ARG B 131 -1.36 -1.24 -32.98
N VAL B 132 -0.53 -1.15 -31.95
CA VAL B 132 -0.75 -0.13 -30.93
C VAL B 132 0.33 0.93 -30.82
N GLY B 133 -0.13 2.17 -30.63
CA GLY B 133 0.80 3.28 -30.47
C GLY B 133 0.98 3.53 -28.99
N LYS B 134 0.18 4.46 -28.45
CA LYS B 134 0.26 4.77 -27.03
C LYS B 134 -0.93 4.17 -26.30
N LEU B 135 -0.76 3.93 -25.00
CA LEU B 135 -1.81 3.33 -24.19
C LEU B 135 -2.16 4.21 -22.98
N VAL B 136 -3.45 4.45 -22.80
CA VAL B 136 -3.96 5.24 -21.69
C VAL B 136 -5.06 4.45 -20.99
N LEU B 137 -4.84 4.14 -19.71
CA LEU B 137 -5.75 3.38 -18.88
C LEU B 137 -6.37 4.23 -17.77
N MET B 138 -7.69 4.24 -17.69
CA MET B 138 -8.36 5.00 -16.64
C MET B 138 -9.37 4.16 -15.89
N GLY B 139 -9.07 3.88 -14.63
CA GLY B 139 -9.95 3.11 -13.78
C GLY B 139 -10.07 1.62 -14.10
N GLY B 140 -9.07 1.08 -14.79
CA GLY B 140 -9.08 -0.33 -15.14
C GLY B 140 -7.86 -0.73 -15.95
N GLY B 141 -7.73 -2.01 -16.28
CA GLY B 141 -6.59 -2.46 -17.05
C GLY B 141 -6.12 -3.86 -16.72
N THR B 142 -6.30 -4.29 -15.47
CA THR B 142 -5.89 -5.62 -15.06
C THR B 142 -6.82 -6.19 -14.01
N GLY B 143 -7.25 -7.43 -14.19
CA GLY B 143 -8.13 -8.03 -13.21
C GLY B 143 -7.29 -8.30 -11.99
N GLY B 144 -7.78 -9.10 -11.07
CA GLY B 144 -6.98 -9.40 -9.90
C GLY B 144 -7.55 -8.88 -8.61
N MET B 145 -6.89 -9.25 -7.52
CA MET B 145 -7.31 -8.87 -6.18
C MET B 145 -6.62 -7.60 -5.75
N SER B 146 -7.32 -6.81 -4.95
CA SER B 146 -6.78 -5.58 -4.39
C SER B 146 -6.03 -6.02 -3.14
N LEU B 147 -5.11 -5.19 -2.68
CA LEU B 147 -4.36 -5.53 -1.47
C LEU B 147 -4.92 -4.80 -0.26
N PHE B 148 -5.75 -3.78 -0.50
CA PHE B 148 -6.26 -2.98 0.60
C PHE B 148 -7.76 -2.76 0.65
N THR B 149 -8.40 -2.80 -0.51
CA THR B 149 -9.83 -2.56 -0.57
C THR B 149 -10.65 -3.83 -0.61
N PRO B 150 -11.69 -3.90 0.24
CA PRO B 150 -12.56 -5.06 0.30
C PRO B 150 -13.30 -5.28 -1.01
N MET B 151 -13.32 -6.52 -1.48
CA MET B 151 -14.03 -6.85 -2.70
C MET B 151 -15.08 -7.91 -2.37
N PRO B 152 -16.22 -7.91 -3.09
CA PRO B 152 -16.51 -6.96 -4.17
C PRO B 152 -16.68 -5.56 -3.61
N THR B 153 -16.15 -4.57 -4.31
CA THR B 153 -16.22 -3.19 -3.84
C THR B 153 -17.62 -2.63 -3.66
N GLU B 154 -17.67 -1.52 -2.92
CA GLU B 154 -18.90 -0.81 -2.62
C GLU B 154 -19.65 -0.44 -3.91
N GLY B 155 -18.90 -0.02 -4.92
CA GLY B 155 -19.51 0.38 -6.19
C GLY B 155 -19.95 -0.77 -7.08
N ILE B 156 -19.13 -1.80 -7.16
CA ILE B 156 -19.45 -2.97 -7.98
C ILE B 156 -20.78 -3.57 -7.54
N LYS B 157 -21.01 -3.61 -6.24
CA LYS B 157 -22.24 -4.16 -5.71
C LYS B 157 -23.44 -3.35 -6.21
N ARG B 158 -23.34 -2.03 -6.15
CA ARG B 158 -24.45 -1.21 -6.61
C ARG B 158 -24.56 -1.27 -8.13
N LEU B 159 -23.43 -1.50 -8.81
CA LEU B 159 -23.48 -1.60 -10.27
C LEU B 159 -24.29 -2.83 -10.64
N ASN B 160 -23.94 -3.96 -10.04
CA ASN B 160 -24.64 -5.21 -10.30
C ASN B 160 -26.11 -5.13 -9.90
N GLN B 161 -26.38 -4.55 -8.72
CA GLN B 161 -27.76 -4.42 -8.25
C GLN B 161 -28.59 -3.62 -9.25
N LEU B 162 -27.98 -2.60 -9.84
CA LEU B 162 -28.65 -1.76 -10.82
C LEU B 162 -28.97 -2.59 -12.06
N TYR B 163 -28.01 -3.37 -12.53
CA TYR B 163 -28.21 -4.21 -13.71
C TYR B 163 -29.38 -5.18 -13.49
N ARG B 164 -29.59 -5.58 -12.24
CA ARG B 164 -30.65 -6.51 -11.90
C ARG B 164 -32.01 -5.85 -11.63
N GLN B 165 -31.98 -4.57 -11.27
CA GLN B 165 -33.20 -3.83 -10.99
C GLN B 165 -33.05 -2.41 -11.52
N PRO B 166 -33.20 -2.24 -12.84
CA PRO B 166 -33.09 -0.95 -13.53
C PRO B 166 -34.10 0.09 -13.05
N THR B 167 -33.85 0.67 -11.88
CA THR B 167 -34.76 1.65 -11.33
C THR B 167 -34.02 2.96 -11.04
N ILE B 168 -34.71 4.07 -11.25
CA ILE B 168 -34.12 5.39 -11.01
C ILE B 168 -33.49 5.42 -9.63
N GLU B 169 -34.10 4.72 -8.68
CA GLU B 169 -33.58 4.67 -7.32
C GLU B 169 -32.17 4.09 -7.30
N ASN B 170 -32.00 2.95 -7.95
CA ASN B 170 -30.71 2.30 -8.01
C ASN B 170 -29.70 3.09 -8.85
N LEU B 171 -30.17 3.73 -9.92
CA LEU B 171 -29.26 4.50 -10.76
C LEU B 171 -28.69 5.67 -9.98
N LYS B 172 -29.51 6.24 -9.09
CA LYS B 172 -29.06 7.36 -8.27
C LYS B 172 -28.08 6.84 -7.22
N LEU B 173 -28.34 5.64 -6.69
CA LEU B 173 -27.46 5.07 -5.69
C LEU B 173 -26.07 4.81 -6.27
N MET B 174 -26.01 4.27 -7.48
CA MET B 174 -24.72 4.00 -8.08
C MET B 174 -23.98 5.30 -8.37
N MET B 175 -24.66 6.22 -9.07
CA MET B 175 -24.07 7.50 -9.41
C MET B 175 -23.58 8.29 -8.21
N ASP B 176 -24.32 8.19 -7.11
CA ASP B 176 -23.98 8.91 -5.90
C ASP B 176 -22.57 8.60 -5.38
N ILE B 177 -22.13 7.36 -5.57
CA ILE B 177 -20.81 6.96 -5.11
C ILE B 177 -19.83 6.71 -6.27
N PHE B 178 -20.31 6.90 -7.49
CA PHE B 178 -19.55 6.72 -8.72
C PHE B 178 -18.64 7.94 -8.96
N VAL B 179 -19.09 9.11 -8.54
CA VAL B 179 -18.30 10.33 -8.73
C VAL B 179 -18.17 11.14 -7.43
N PHE B 180 -17.03 11.82 -7.28
CA PHE B 180 -16.74 12.61 -6.08
C PHE B 180 -17.69 13.78 -5.84
N ASP B 181 -17.90 14.60 -6.87
CA ASP B 181 -18.82 15.72 -6.71
C ASP B 181 -20.08 15.46 -7.52
N THR B 182 -21.18 15.17 -6.82
CA THR B 182 -22.44 14.88 -7.49
C THR B 182 -23.08 16.08 -8.16
N SER B 183 -22.64 17.28 -7.79
CA SER B 183 -23.19 18.48 -8.41
C SER B 183 -22.97 18.35 -9.91
N ASP B 184 -21.83 17.75 -10.27
CA ASP B 184 -21.46 17.53 -11.65
C ASP B 184 -22.54 16.84 -12.47
N LEU B 185 -23.01 15.69 -11.97
CA LEU B 185 -24.03 14.93 -12.68
C LEU B 185 -25.13 15.80 -13.27
N THR B 186 -25.20 15.80 -14.60
CA THR B 186 -26.19 16.59 -15.30
C THR B 186 -27.39 15.71 -15.65
N ASP B 187 -28.57 16.31 -15.63
CA ASP B 187 -29.80 15.58 -15.94
C ASP B 187 -29.69 14.93 -17.31
N ALA B 188 -29.06 15.65 -18.24
CA ALA B 188 -28.87 15.15 -19.60
C ALA B 188 -28.11 13.83 -19.59
N LEU B 189 -27.28 13.65 -18.57
CA LEU B 189 -26.50 12.42 -18.43
C LEU B 189 -27.39 11.34 -17.85
N PHE B 190 -28.15 11.71 -16.82
CA PHE B 190 -29.06 10.78 -16.15
C PHE B 190 -30.06 10.22 -17.16
N GLU B 191 -30.92 11.10 -17.67
CA GLU B 191 -31.94 10.69 -18.64
C GLU B 191 -31.31 9.83 -19.73
N ALA B 192 -30.14 10.23 -20.21
CA ALA B 192 -29.43 9.47 -21.24
C ALA B 192 -29.16 8.07 -20.72
N ARG B 193 -28.62 7.98 -19.52
CA ARG B 193 -28.32 6.70 -18.89
C ARG B 193 -29.59 5.88 -18.73
N LEU B 194 -30.55 6.43 -17.99
CA LEU B 194 -31.82 5.75 -17.75
C LEU B 194 -32.46 5.32 -19.06
N ASN B 195 -32.48 6.23 -20.03
CA ASN B 195 -33.06 5.94 -21.34
C ASN B 195 -32.37 4.72 -21.93
N ASN B 196 -31.08 4.85 -22.19
CA ASN B 196 -30.28 3.76 -22.76
C ASN B 196 -30.52 2.47 -22.00
N MET B 197 -30.67 2.58 -20.68
CA MET B 197 -30.91 1.40 -19.87
C MET B 197 -32.17 0.68 -20.32
N LEU B 198 -33.33 1.24 -19.98
CA LEU B 198 -34.60 0.63 -20.34
C LEU B 198 -34.76 0.46 -21.84
N SER B 199 -33.94 1.17 -22.61
CA SER B 199 -33.99 1.08 -24.07
C SER B 199 -33.54 -0.27 -24.60
N ARG B 200 -32.48 -0.81 -24.02
CA ARG B 200 -31.97 -2.11 -24.46
C ARG B 200 -31.89 -3.13 -23.33
N ARG B 201 -33.04 -3.45 -22.75
CA ARG B 201 -33.10 -4.41 -21.65
C ARG B 201 -32.45 -5.72 -22.05
N ASP B 202 -32.26 -5.92 -23.35
CA ASP B 202 -31.61 -7.13 -23.83
C ASP B 202 -30.16 -7.12 -23.33
N HIS B 203 -29.52 -5.96 -23.39
CA HIS B 203 -28.14 -5.81 -22.93
C HIS B 203 -28.02 -6.06 -21.43
N LEU B 204 -28.87 -5.41 -20.65
CA LEU B 204 -28.85 -5.58 -19.21
C LEU B 204 -28.96 -7.06 -18.83
N GLU B 205 -30.01 -7.70 -19.34
CA GLU B 205 -30.25 -9.12 -19.07
C GLU B 205 -29.04 -9.97 -19.42
N ASN B 206 -28.45 -9.71 -20.58
CA ASN B 206 -27.28 -10.47 -21.01
C ASN B 206 -26.04 -10.19 -20.15
N PHE B 207 -26.00 -9.01 -19.54
CA PHE B 207 -24.87 -8.67 -18.69
C PHE B 207 -25.01 -9.57 -17.46
N VAL B 208 -26.21 -9.55 -16.88
CA VAL B 208 -26.51 -10.36 -15.71
C VAL B 208 -26.30 -11.84 -15.97
N LYS B 209 -26.54 -12.27 -17.20
CA LYS B 209 -26.38 -13.68 -17.57
C LYS B 209 -24.92 -14.06 -17.80
N SER B 210 -24.14 -13.13 -18.36
CA SER B 210 -22.72 -13.39 -18.61
C SER B 210 -21.99 -13.65 -17.29
N LEU B 211 -22.37 -12.90 -16.26
CA LEU B 211 -21.76 -13.06 -14.94
C LEU B 211 -22.12 -14.43 -14.37
N GLU B 212 -23.38 -14.84 -14.57
CA GLU B 212 -23.82 -16.13 -14.06
C GLU B 212 -23.14 -17.26 -14.81
N ALA B 213 -22.76 -17.01 -16.06
CA ALA B 213 -22.07 -18.02 -16.85
C ALA B 213 -20.58 -18.03 -16.48
N ASN B 214 -20.02 -16.84 -16.28
CA ASN B 214 -18.60 -16.71 -15.92
C ASN B 214 -18.38 -15.53 -14.98
N PRO B 215 -18.32 -15.80 -13.67
CA PRO B 215 -18.12 -14.81 -12.60
C PRO B 215 -16.89 -13.94 -12.80
N LYS B 216 -15.84 -14.52 -13.39
CA LYS B 216 -14.61 -13.78 -13.63
C LYS B 216 -14.56 -13.36 -15.09
N GLN B 217 -15.16 -12.21 -15.38
CA GLN B 217 -15.22 -11.66 -16.72
C GLN B 217 -13.89 -11.08 -17.17
N PHE B 218 -13.04 -10.69 -16.21
CA PHE B 218 -11.75 -10.09 -16.54
C PHE B 218 -10.55 -10.85 -15.97
N PRO B 219 -9.70 -11.40 -16.85
CA PRO B 219 -8.50 -12.16 -16.47
C PRO B 219 -7.44 -11.28 -15.83
N ASP B 220 -6.66 -11.88 -14.93
CA ASP B 220 -5.60 -11.17 -14.24
C ASP B 220 -4.37 -11.10 -15.14
N PHE B 221 -4.16 -9.96 -15.80
CA PHE B 221 -3.02 -9.78 -16.71
C PHE B 221 -1.70 -9.46 -16.02
N GLY B 222 -1.71 -9.45 -14.69
CA GLY B 222 -0.51 -9.14 -13.94
C GLY B 222 0.78 -9.74 -14.45
N PRO B 223 0.90 -11.06 -14.48
CA PRO B 223 2.12 -11.73 -14.94
C PRO B 223 2.62 -11.35 -16.34
N ARG B 224 1.71 -10.85 -17.19
CA ARG B 224 2.11 -10.49 -18.55
C ARG B 224 2.40 -9.01 -18.79
N LEU B 225 2.15 -8.17 -17.79
CA LEU B 225 2.39 -6.74 -17.95
C LEU B 225 3.80 -6.43 -18.44
N ALA B 226 4.73 -7.33 -18.16
CA ALA B 226 6.13 -7.16 -18.57
C ALA B 226 6.26 -7.23 -20.09
N GLU B 227 5.20 -7.70 -20.75
CA GLU B 227 5.21 -7.84 -22.20
C GLU B 227 4.94 -6.51 -22.89
N ILE B 228 4.13 -5.66 -22.25
CA ILE B 228 3.76 -4.36 -22.81
C ILE B 228 4.89 -3.36 -23.00
N LYS B 229 5.16 -3.02 -24.26
CA LYS B 229 6.22 -2.09 -24.62
C LYS B 229 5.67 -0.73 -25.02
N ALA B 230 4.35 -0.61 -25.07
CA ALA B 230 3.73 0.66 -25.44
C ALA B 230 3.84 1.68 -24.32
N GLN B 231 4.14 2.93 -24.66
CA GLN B 231 4.22 4.01 -23.66
C GLN B 231 2.83 4.02 -23.03
N THR B 232 2.78 3.99 -21.71
CA THR B 232 1.51 3.92 -21.00
C THR B 232 1.29 4.99 -19.96
N LEU B 233 0.06 5.51 -19.93
CA LEU B 233 -0.33 6.53 -18.96
C LEU B 233 -1.54 5.94 -18.26
N ILE B 234 -1.50 5.92 -16.93
CA ILE B 234 -2.59 5.38 -16.15
C ILE B 234 -3.21 6.52 -15.34
N VAL B 235 -4.52 6.65 -15.42
CA VAL B 235 -5.24 7.71 -14.72
C VAL B 235 -6.22 7.10 -13.73
N TRP B 236 -6.28 7.67 -12.53
CA TRP B 236 -7.17 7.15 -11.50
C TRP B 236 -7.70 8.23 -10.56
N GLY B 237 -8.82 7.92 -9.92
CA GLY B 237 -9.41 8.82 -8.95
C GLY B 237 -9.12 8.20 -7.59
N ARG B 238 -8.52 8.97 -6.68
CA ARG B 238 -8.19 8.48 -5.34
C ARG B 238 -9.44 7.94 -4.64
N ASN B 239 -10.58 8.57 -4.87
CA ASN B 239 -11.80 8.11 -4.23
C ASN B 239 -12.71 7.28 -5.12
N ASP B 240 -12.08 6.55 -6.04
CA ASP B 240 -12.79 5.65 -6.92
C ASP B 240 -13.30 4.53 -5.97
N ARG B 241 -14.61 4.45 -5.80
CA ARG B 241 -15.21 3.44 -4.92
C ARG B 241 -15.61 2.18 -5.69
N PHE B 242 -15.32 2.17 -6.99
CA PHE B 242 -15.64 1.03 -7.85
C PHE B 242 -14.44 0.12 -8.06
N VAL B 243 -13.35 0.67 -8.57
CA VAL B 243 -12.14 -0.10 -8.79
C VAL B 243 -11.04 0.52 -7.93
N PRO B 244 -10.51 -0.24 -6.97
CA PRO B 244 -9.46 0.15 -6.04
C PRO B 244 -8.27 0.84 -6.71
N MET B 245 -7.91 1.98 -6.17
CA MET B 245 -6.81 2.74 -6.70
C MET B 245 -5.52 1.94 -6.79
N ASP B 246 -5.34 0.94 -5.93
CA ASP B 246 -4.09 0.20 -6.00
C ASP B 246 -3.97 -0.70 -7.22
N ALA B 247 -5.04 -0.78 -8.02
CA ALA B 247 -4.98 -1.55 -9.26
C ALA B 247 -4.15 -0.67 -10.19
N GLY B 248 -4.21 0.64 -9.96
CA GLY B 248 -3.44 1.60 -10.77
C GLY B 248 -1.98 1.43 -10.46
N LEU B 249 -1.67 1.22 -9.18
CA LEU B 249 -0.30 1.01 -8.73
C LEU B 249 0.22 -0.32 -9.33
N ARG B 250 -0.66 -1.30 -9.51
CA ARG B 250 -0.25 -2.58 -10.10
C ARG B 250 0.14 -2.39 -11.56
N LEU B 251 -0.67 -1.64 -12.29
CA LEU B 251 -0.38 -1.38 -13.69
C LEU B 251 0.93 -0.60 -13.76
N LEU B 252 1.07 0.39 -12.89
CA LEU B 252 2.26 1.21 -12.85
C LEU B 252 3.52 0.37 -12.62
N SER B 253 3.47 -0.56 -11.67
CA SER B 253 4.61 -1.40 -11.36
C SER B 253 4.93 -2.45 -12.42
N GLY B 254 3.89 -2.93 -13.10
CA GLY B 254 4.11 -3.96 -14.11
C GLY B 254 4.51 -3.48 -15.50
N ILE B 255 4.03 -2.32 -15.92
CA ILE B 255 4.34 -1.82 -17.26
C ILE B 255 5.52 -0.83 -17.30
N ALA B 256 6.65 -1.32 -17.81
CA ALA B 256 7.85 -0.50 -17.90
C ALA B 256 7.61 0.85 -18.57
N GLY B 257 8.28 1.88 -18.04
CA GLY B 257 8.14 3.22 -18.57
C GLY B 257 6.78 3.89 -18.50
N SER B 258 5.84 3.30 -17.77
CA SER B 258 4.51 3.90 -17.66
C SER B 258 4.50 5.01 -16.62
N GLU B 259 3.40 5.76 -16.59
CA GLU B 259 3.23 6.85 -15.63
C GLU B 259 1.82 6.78 -15.07
N LEU B 260 1.65 7.18 -13.82
CA LEU B 260 0.35 7.15 -13.15
C LEU B 260 -0.02 8.53 -12.65
N HIS B 261 -1.24 8.96 -12.94
CA HIS B 261 -1.69 10.26 -12.49
C HIS B 261 -2.96 10.07 -11.69
N ILE B 262 -2.92 10.47 -10.42
CA ILE B 262 -4.09 10.33 -9.58
C ILE B 262 -4.70 11.67 -9.12
N PHE B 263 -6.00 11.79 -9.31
CA PHE B 263 -6.74 12.96 -8.88
C PHE B 263 -7.33 12.57 -7.53
N ARG B 264 -7.12 13.41 -6.51
CA ARG B 264 -7.63 13.11 -5.18
C ARG B 264 -9.15 13.18 -5.10
N ASP B 265 -9.68 14.40 -5.28
CA ASP B 265 -11.13 14.63 -5.22
C ASP B 265 -11.73 14.14 -6.52
N CYS B 266 -11.70 12.83 -6.70
CA CYS B 266 -12.21 12.26 -7.93
C CYS B 266 -12.75 10.87 -7.69
N GLY B 267 -13.85 10.56 -8.37
CA GLY B 267 -14.46 9.26 -8.25
C GLY B 267 -13.89 8.33 -9.29
N HIS B 268 -14.73 7.49 -9.84
CA HIS B 268 -14.31 6.53 -10.84
C HIS B 268 -14.28 7.07 -12.28
N TRP B 269 -14.96 8.18 -12.53
CA TRP B 269 -15.01 8.73 -13.88
C TRP B 269 -14.11 9.96 -14.07
N ALA B 270 -12.80 9.76 -13.95
CA ALA B 270 -11.84 10.86 -14.07
C ALA B 270 -11.93 11.65 -15.37
N GLN B 271 -12.10 10.95 -16.50
CA GLN B 271 -12.19 11.59 -17.81
C GLN B 271 -13.36 12.58 -17.83
N TRP B 272 -14.30 12.38 -16.91
CA TRP B 272 -15.47 13.24 -16.84
C TRP B 272 -15.39 14.23 -15.68
N GLU B 273 -15.05 13.74 -14.49
CA GLU B 273 -14.96 14.59 -13.30
C GLU B 273 -13.86 15.64 -13.41
N HIS B 274 -12.83 15.38 -14.21
CA HIS B 274 -11.72 16.33 -14.40
C HIS B 274 -11.37 16.38 -15.89
N ALA B 275 -12.40 16.57 -16.70
CA ALA B 275 -12.25 16.62 -18.15
C ALA B 275 -11.10 17.47 -18.69
N ASP B 276 -10.98 18.70 -18.20
CA ASP B 276 -9.92 19.60 -18.66
C ASP B 276 -8.50 19.16 -18.36
N ALA B 277 -8.26 18.74 -17.12
CA ALA B 277 -6.92 18.28 -16.77
C ALA B 277 -6.64 16.98 -17.51
N PHE B 278 -7.66 16.12 -17.56
CA PHE B 278 -7.55 14.83 -18.24
C PHE B 278 -7.21 15.02 -19.72
N ASN B 279 -7.93 15.89 -20.40
CA ASN B 279 -7.68 16.10 -21.83
C ASN B 279 -6.28 16.65 -22.04
N GLN B 280 -5.87 17.54 -21.15
CA GLN B 280 -4.54 18.12 -21.21
C GLN B 280 -3.48 17.02 -21.08
N LEU B 281 -3.64 16.18 -20.05
CA LEU B 281 -2.71 15.08 -19.81
C LEU B 281 -2.63 14.18 -21.03
N VAL B 282 -3.79 13.84 -21.59
CA VAL B 282 -3.88 12.98 -22.76
C VAL B 282 -3.29 13.59 -24.01
N LEU B 283 -3.70 14.81 -24.33
CA LEU B 283 -3.18 15.49 -25.50
C LEU B 283 -1.65 15.52 -25.42
N ASN B 284 -1.13 15.91 -24.26
CA ASN B 284 0.32 15.97 -24.03
C ASN B 284 0.98 14.61 -24.20
N PHE B 285 0.42 13.60 -23.55
CA PHE B 285 0.98 12.24 -23.60
C PHE B 285 1.02 11.72 -25.04
N LEU B 286 -0.11 11.81 -25.72
CA LEU B 286 -0.23 11.37 -27.10
C LEU B 286 0.74 12.09 -28.02
N ALA B 287 1.18 13.29 -27.63
CA ALA B 287 2.09 14.07 -28.45
C ALA B 287 3.58 13.76 -28.24
N ARG B 288 3.88 12.92 -27.26
CA ARG B 288 5.27 12.54 -27.01
C ARG B 288 5.74 11.70 -28.19
N PRO B 289 7.04 11.72 -28.50
CA PRO B 289 7.48 10.90 -29.63
C PRO B 289 7.31 9.40 -29.39
N TYR C 4 13.55 -35.56 26.27
CA TYR C 4 13.78 -35.30 24.83
C TYR C 4 15.20 -34.84 24.53
N GLN C 5 15.85 -35.53 23.60
CA GLN C 5 17.20 -35.19 23.20
C GLN C 5 17.19 -34.39 21.91
N PRO C 6 17.70 -33.15 21.95
CA PRO C 6 17.72 -32.32 20.74
C PRO C 6 18.30 -33.09 19.55
N GLN C 7 17.72 -32.86 18.39
CA GLN C 7 18.12 -33.52 17.14
C GLN C 7 19.49 -33.03 16.67
N THR C 8 20.19 -33.85 15.90
CA THR C 8 21.50 -33.46 15.35
C THR C 8 21.47 -33.67 13.84
N GLU C 9 22.31 -32.93 13.13
CA GLU C 9 22.37 -33.00 11.68
C GLU C 9 22.84 -34.38 11.23
N ALA C 10 24.04 -34.75 11.67
CA ALA C 10 24.66 -36.02 11.32
C ALA C 10 23.77 -37.25 11.56
N ALA C 11 23.05 -37.26 12.67
CA ALA C 11 22.20 -38.41 12.99
C ALA C 11 20.98 -38.49 12.09
N THR C 12 20.46 -37.34 11.66
CA THR C 12 19.27 -37.29 10.81
C THR C 12 19.57 -37.17 9.32
N SER C 13 20.84 -37.12 8.97
CA SER C 13 21.24 -36.98 7.57
C SER C 13 20.87 -38.20 6.74
N ARG C 14 20.39 -37.95 5.52
CA ARG C 14 19.99 -39.00 4.59
C ARG C 14 20.16 -38.54 3.16
N PHE C 15 20.09 -39.50 2.25
CA PHE C 15 20.24 -39.25 0.83
C PHE C 15 19.23 -40.09 0.07
N LEU C 16 18.97 -39.69 -1.17
CA LEU C 16 18.04 -40.40 -2.02
C LEU C 16 18.29 -39.89 -3.43
N ASN C 17 18.02 -40.72 -4.42
CA ASN C 17 18.21 -40.31 -5.80
C ASN C 17 16.89 -39.85 -6.37
N VAL C 18 16.96 -38.86 -7.24
CA VAL C 18 15.75 -38.32 -7.86
C VAL C 18 16.00 -38.13 -9.35
N GLU C 19 15.03 -38.51 -10.16
CA GLU C 19 15.14 -38.37 -11.61
C GLU C 19 14.64 -36.97 -11.98
N GLU C 20 15.46 -36.22 -12.71
CA GLU C 20 15.10 -34.86 -13.11
C GLU C 20 15.66 -34.52 -14.48
N ALA C 21 14.78 -34.34 -15.45
CA ALA C 21 15.20 -33.99 -16.81
C ALA C 21 16.16 -35.00 -17.41
N GLY C 22 15.82 -36.29 -17.29
CA GLY C 22 16.66 -37.33 -17.85
C GLY C 22 17.90 -37.68 -17.04
N LYS C 23 18.30 -36.80 -16.14
CA LYS C 23 19.49 -37.04 -15.33
C LYS C 23 19.12 -37.43 -13.89
N THR C 24 20.00 -38.19 -13.24
CA THR C 24 19.76 -38.61 -11.88
C THR C 24 20.67 -37.87 -10.91
N LEU C 25 20.06 -37.21 -9.92
CA LEU C 25 20.84 -36.48 -8.94
C LEU C 25 20.59 -36.95 -7.52
N ARG C 26 21.68 -36.98 -6.75
CA ARG C 26 21.66 -37.40 -5.36
C ARG C 26 21.17 -36.22 -4.56
N ILE C 27 20.09 -36.42 -3.81
CA ILE C 27 19.52 -35.35 -3.01
C ILE C 27 19.64 -35.62 -1.53
N HIS C 28 20.06 -34.61 -0.79
CA HIS C 28 20.22 -34.72 0.66
C HIS C 28 19.06 -34.10 1.42
N PHE C 29 18.79 -34.65 2.61
CA PHE C 29 17.74 -34.13 3.47
C PHE C 29 17.89 -34.72 4.85
N ASN C 30 17.39 -34.01 5.85
CA ASN C 30 17.46 -34.50 7.22
C ASN C 30 16.08 -34.99 7.61
N ASP C 31 16.03 -36.20 8.13
CA ASP C 31 14.79 -36.83 8.56
C ASP C 31 14.81 -36.81 10.10
N CYS C 32 13.83 -36.13 10.70
CA CYS C 32 13.79 -36.00 12.17
C CYS C 32 12.49 -36.49 12.81
N GLY C 33 12.62 -37.16 13.94
CA GLY C 33 11.45 -37.67 14.64
C GLY C 33 10.80 -38.78 13.84
N GLN C 34 9.60 -39.19 14.23
CA GLN C 34 8.91 -40.26 13.52
C GLN C 34 7.40 -40.07 13.47
N GLY C 35 6.92 -39.01 14.10
CA GLY C 35 5.48 -38.72 14.15
C GLY C 35 4.61 -39.12 12.97
N ASP C 36 3.30 -39.18 13.20
CA ASP C 36 2.33 -39.53 12.16
C ASP C 36 2.29 -38.44 11.09
N GLU C 37 2.25 -37.19 11.55
CA GLU C 37 2.22 -36.05 10.66
C GLU C 37 3.64 -35.61 10.34
N THR C 38 3.87 -35.26 9.09
CA THR C 38 5.18 -34.81 8.65
C THR C 38 5.15 -33.32 8.30
N VAL C 39 6.27 -32.66 8.57
CA VAL C 39 6.41 -31.24 8.26
C VAL C 39 7.69 -31.03 7.47
N VAL C 40 7.56 -30.52 6.26
CA VAL C 40 8.72 -30.28 5.43
C VAL C 40 9.12 -28.81 5.53
N LEU C 41 10.43 -28.59 5.66
CA LEU C 41 11.00 -27.26 5.78
C LEU C 41 11.91 -26.99 4.58
N LEU C 42 11.57 -25.99 3.77
CA LEU C 42 12.38 -25.65 2.60
C LEU C 42 13.16 -24.36 2.78
N HIS C 43 14.49 -24.48 2.70
CA HIS C 43 15.40 -23.35 2.89
C HIS C 43 15.33 -22.20 1.87
N GLY C 44 15.99 -21.10 2.22
CA GLY C 44 16.05 -19.94 1.37
C GLY C 44 17.12 -20.14 0.31
N SER C 45 17.40 -19.11 -0.48
CA SER C 45 18.37 -19.22 -1.57
C SER C 45 19.70 -18.52 -1.32
N GLY C 46 19.98 -18.14 -0.08
CA GLY C 46 21.23 -17.48 0.19
C GLY C 46 22.43 -18.40 -0.01
N PRO C 47 23.60 -17.84 -0.33
CA PRO C 47 24.80 -18.66 -0.53
C PRO C 47 25.18 -19.34 0.79
N GLY C 48 25.38 -20.65 0.77
CA GLY C 48 25.76 -21.35 1.97
C GLY C 48 24.58 -21.83 2.78
N ALA C 49 23.39 -21.60 2.28
CA ALA C 49 22.17 -22.00 2.97
C ALA C 49 21.90 -23.49 2.83
N THR C 50 21.33 -24.07 3.89
CA THR C 50 20.96 -25.49 3.91
C THR C 50 19.70 -25.58 4.74
N GLY C 51 19.03 -26.72 4.68
CA GLY C 51 17.83 -26.87 5.48
C GLY C 51 18.16 -26.70 6.95
N TRP C 52 19.24 -27.35 7.39
CA TRP C 52 19.65 -27.30 8.79
C TRP C 52 20.00 -25.92 9.33
N ALA C 53 20.86 -25.18 8.63
CA ALA C 53 21.27 -23.85 9.09
C ALA C 53 20.11 -22.85 9.07
N ASN C 54 19.18 -23.03 8.13
CA ASN C 54 18.03 -22.13 8.02
C ASN C 54 17.03 -22.35 9.15
N PHE C 55 16.78 -23.62 9.48
CA PHE C 55 15.80 -23.96 10.52
C PHE C 55 16.34 -24.48 11.84
N SER C 56 17.61 -24.21 12.14
CA SER C 56 18.19 -24.70 13.38
C SER C 56 17.33 -24.38 14.61
N ARG C 57 16.74 -23.20 14.65
CA ARG C 57 15.92 -22.80 15.79
C ARG C 57 14.48 -23.29 15.79
N ASN C 58 14.04 -23.92 14.71
CA ASN C 58 12.66 -24.36 14.66
C ASN C 58 12.47 -25.88 14.62
N ILE C 59 13.56 -26.62 14.45
CA ILE C 59 13.46 -28.08 14.36
C ILE C 59 12.94 -28.80 15.61
N ASP C 60 13.57 -28.57 16.77
CA ASP C 60 13.16 -29.24 18.00
C ASP C 60 11.75 -29.00 18.49
N PRO C 61 11.25 -27.76 18.38
CA PRO C 61 9.88 -27.56 18.86
C PRO C 61 8.89 -28.39 18.04
N LEU C 62 9.24 -28.62 16.78
CA LEU C 62 8.39 -29.40 15.88
C LEU C 62 8.45 -30.89 16.25
N VAL C 63 9.65 -31.42 16.46
CA VAL C 63 9.80 -32.83 16.82
C VAL C 63 9.23 -33.10 18.21
N GLU C 64 9.56 -32.26 19.19
CA GLU C 64 9.03 -32.44 20.53
C GLU C 64 7.53 -32.51 20.51
N ALA C 65 6.91 -31.74 19.61
CA ALA C 65 5.46 -31.71 19.51
C ALA C 65 4.92 -32.99 18.90
N GLY C 66 5.81 -33.83 18.39
CA GLY C 66 5.40 -35.10 17.81
C GLY C 66 5.38 -35.20 16.30
N TYR C 67 5.96 -34.22 15.61
CA TYR C 67 5.97 -34.23 14.16
C TYR C 67 7.23 -34.83 13.58
N ARG C 68 7.09 -35.47 12.42
CA ARG C 68 8.26 -35.98 11.73
C ARG C 68 8.69 -34.73 10.98
N VAL C 69 9.97 -34.40 11.03
CA VAL C 69 10.46 -33.22 10.35
C VAL C 69 11.52 -33.54 9.32
N ILE C 70 11.26 -33.13 8.08
CA ILE C 70 12.18 -33.35 6.97
C ILE C 70 12.65 -32.01 6.42
N LEU C 71 13.97 -31.83 6.35
CA LEU C 71 14.53 -30.59 5.82
C LEU C 71 15.28 -30.92 4.54
N LEU C 72 14.64 -30.63 3.42
CA LEU C 72 15.18 -30.90 2.10
C LEU C 72 16.19 -29.89 1.60
N ASP C 73 17.34 -30.38 1.18
CA ASP C 73 18.31 -29.47 0.61
C ASP C 73 18.06 -29.53 -0.88
N CYS C 74 17.55 -28.44 -1.42
CA CYS C 74 17.24 -28.36 -2.84
C CYS C 74 18.52 -28.42 -3.65
N PRO C 75 18.46 -29.01 -4.85
CA PRO C 75 19.67 -29.08 -5.67
C PRO C 75 20.21 -27.68 -5.93
N GLY C 76 21.51 -27.52 -5.75
CA GLY C 76 22.13 -26.22 -5.94
C GLY C 76 22.56 -25.69 -4.58
N TRP C 77 22.21 -26.46 -3.55
CA TRP C 77 22.52 -26.12 -2.16
C TRP C 77 22.93 -27.34 -1.34
N GLY C 78 23.65 -27.09 -0.24
CA GLY C 78 24.08 -28.14 0.67
C GLY C 78 24.80 -29.35 0.09
N LYS C 79 24.54 -30.51 0.70
CA LYS C 79 25.16 -31.77 0.28
C LYS C 79 24.51 -32.36 -0.97
N SER C 80 23.45 -31.71 -1.46
CA SER C 80 22.77 -32.20 -2.66
C SER C 80 23.62 -31.91 -3.90
N ASP C 81 23.36 -32.62 -4.98
CA ASP C 81 24.11 -32.37 -6.20
C ASP C 81 23.79 -30.93 -6.60
N SER C 82 24.66 -30.34 -7.41
CA SER C 82 24.39 -28.98 -7.84
C SER C 82 23.55 -29.08 -9.10
N VAL C 83 23.21 -27.95 -9.68
CA VAL C 83 22.40 -27.96 -10.89
C VAL C 83 22.35 -26.56 -11.48
N VAL C 84 22.01 -26.49 -12.76
CA VAL C 84 21.88 -25.20 -13.42
C VAL C 84 20.42 -25.17 -13.87
N ASN C 85 19.67 -24.24 -13.30
CA ASN C 85 18.24 -24.11 -13.59
C ASN C 85 17.92 -22.99 -14.56
N SER C 86 17.40 -23.36 -15.73
CA SER C 86 17.03 -22.40 -16.76
C SER C 86 15.52 -22.26 -16.86
N GLY C 87 14.81 -22.91 -15.94
CA GLY C 87 13.36 -22.84 -15.92
C GLY C 87 12.87 -22.34 -14.57
N SER C 88 11.72 -22.84 -14.13
CA SER C 88 11.18 -22.42 -12.84
C SER C 88 11.91 -23.07 -11.68
N ARG C 89 12.57 -22.26 -10.87
CA ARG C 89 13.30 -22.74 -9.71
C ARG C 89 12.28 -23.33 -8.72
N SER C 90 11.15 -22.66 -8.61
CA SER C 90 10.09 -23.06 -7.71
C SER C 90 9.57 -24.46 -8.02
N ASP C 91 9.29 -24.71 -9.29
CA ASP C 91 8.76 -26.00 -9.71
C ASP C 91 9.81 -27.11 -9.66
N LEU C 92 11.06 -26.75 -9.91
CA LEU C 92 12.14 -27.71 -9.86
C LEU C 92 12.18 -28.32 -8.45
N ASN C 93 12.35 -27.49 -7.43
CA ASN C 93 12.40 -27.97 -6.06
C ASN C 93 11.15 -28.74 -5.69
N ALA C 94 9.99 -28.29 -6.19
CA ALA C 94 8.74 -28.96 -5.90
C ALA C 94 8.76 -30.39 -6.46
N ARG C 95 9.42 -30.56 -7.61
CA ARG C 95 9.52 -31.86 -8.25
C ARG C 95 10.38 -32.81 -7.41
N ILE C 96 11.50 -32.30 -6.92
CA ILE C 96 12.41 -33.09 -6.09
C ILE C 96 11.71 -33.52 -4.81
N LEU C 97 10.97 -32.59 -4.20
CA LEU C 97 10.27 -32.89 -2.96
C LEU C 97 9.23 -33.98 -3.23
N LYS C 98 8.59 -33.89 -4.39
CA LYS C 98 7.58 -34.86 -4.77
C LYS C 98 8.18 -36.28 -4.81
N SER C 99 9.35 -36.40 -5.41
CA SER C 99 10.03 -37.69 -5.49
C SER C 99 10.42 -38.18 -4.10
N VAL C 100 11.04 -37.32 -3.31
CA VAL C 100 11.44 -37.69 -1.94
C VAL C 100 10.23 -38.14 -1.14
N VAL C 101 9.15 -37.39 -1.25
CA VAL C 101 7.92 -37.71 -0.54
C VAL C 101 7.30 -39.03 -0.99
N ASP C 102 7.31 -39.31 -2.29
CA ASP C 102 6.75 -40.56 -2.77
C ASP C 102 7.62 -41.75 -2.33
N GLN C 103 8.93 -41.61 -2.45
CA GLN C 103 9.85 -42.67 -2.08
C GLN C 103 9.75 -43.06 -0.60
N LEU C 104 9.56 -42.07 0.26
CA LEU C 104 9.45 -42.31 1.69
C LEU C 104 8.03 -42.74 2.00
N ASP C 105 7.20 -42.79 0.96
CA ASP C 105 5.83 -43.22 1.11
C ASP C 105 5.05 -42.35 2.10
N ILE C 106 5.25 -41.04 2.02
CA ILE C 106 4.55 -40.10 2.89
C ILE C 106 3.32 -39.53 2.17
N ALA C 107 2.14 -39.78 2.72
CA ALA C 107 0.90 -39.32 2.10
C ALA C 107 0.66 -37.80 2.11
N LYS C 108 0.65 -37.20 3.29
CA LYS C 108 0.42 -35.76 3.44
C LYS C 108 1.57 -35.08 4.15
N ILE C 109 1.79 -33.82 3.83
CA ILE C 109 2.84 -33.05 4.46
C ILE C 109 2.40 -31.61 4.73
N HIS C 110 2.95 -31.03 5.80
CA HIS C 110 2.69 -29.65 6.11
C HIS C 110 3.94 -29.00 5.52
N LEU C 111 3.84 -27.75 5.10
CA LEU C 111 4.98 -27.08 4.51
C LEU C 111 5.33 -25.77 5.21
N LEU C 112 6.63 -25.58 5.43
CA LEU C 112 7.15 -24.36 6.02
C LEU C 112 8.21 -23.97 4.99
N GLY C 113 7.87 -22.98 4.16
CA GLY C 113 8.78 -22.54 3.12
C GLY C 113 9.38 -21.18 3.43
N ASN C 114 10.70 -21.09 3.39
CA ASN C 114 11.40 -19.85 3.67
C ASN C 114 11.96 -19.22 2.41
N SER C 115 11.42 -18.05 2.04
CA SER C 115 11.91 -17.33 0.87
C SER C 115 11.74 -18.19 -0.37
N MET C 116 12.83 -18.69 -0.93
CA MET C 116 12.73 -19.56 -2.10
C MET C 116 11.86 -20.77 -1.73
N GLY C 117 11.98 -21.18 -0.47
CA GLY C 117 11.22 -22.32 0.01
C GLY C 117 9.75 -22.03 -0.03
N GLY C 118 9.40 -20.76 0.17
CA GLY C 118 8.00 -20.36 0.12
C GLY C 118 7.45 -20.51 -1.30
N HIS C 119 8.21 -20.03 -2.27
CA HIS C 119 7.80 -20.14 -3.68
C HIS C 119 7.64 -21.62 -4.02
N SER C 120 8.59 -22.43 -3.55
CA SER C 120 8.58 -23.87 -3.82
C SER C 120 7.39 -24.58 -3.18
N SER C 121 7.01 -24.13 -1.98
CA SER C 121 5.88 -24.74 -1.28
C SER C 121 4.59 -24.40 -2.00
N VAL C 122 4.48 -23.17 -2.50
CA VAL C 122 3.29 -22.77 -3.24
C VAL C 122 3.22 -23.57 -4.54
N ALA C 123 4.37 -23.74 -5.20
CA ALA C 123 4.42 -24.50 -6.44
C ALA C 123 3.98 -25.95 -6.16
N PHE C 124 4.52 -26.53 -5.08
CA PHE C 124 4.17 -27.90 -4.71
C PHE C 124 2.68 -28.02 -4.43
N THR C 125 2.14 -27.06 -3.67
CA THR C 125 0.72 -27.10 -3.32
C THR C 125 -0.15 -26.88 -4.55
N LEU C 126 0.33 -26.07 -5.49
CA LEU C 126 -0.41 -25.81 -6.71
C LEU C 126 -0.47 -27.11 -7.55
N LYS C 127 0.66 -27.80 -7.68
CA LYS C 127 0.71 -29.04 -8.46
C LYS C 127 0.00 -30.22 -7.80
N TRP C 128 0.33 -30.48 -6.54
CA TRP C 128 -0.25 -31.62 -5.82
C TRP C 128 -0.99 -31.24 -4.56
N PRO C 129 -2.13 -30.55 -4.70
CA PRO C 129 -2.93 -30.13 -3.56
C PRO C 129 -3.30 -31.25 -2.61
N GLU C 130 -3.66 -32.41 -3.16
CA GLU C 130 -4.05 -33.55 -2.33
C GLU C 130 -2.94 -34.09 -1.42
N ARG C 131 -1.71 -33.65 -1.64
CA ARG C 131 -0.59 -34.11 -0.83
C ARG C 131 -0.17 -33.09 0.23
N VAL C 132 -0.99 -32.06 0.45
CA VAL C 132 -0.63 -31.06 1.45
C VAL C 132 -1.67 -30.82 2.51
N GLY C 133 -1.19 -30.67 3.74
CA GLY C 133 -2.08 -30.39 4.85
C GLY C 133 -2.10 -28.88 4.96
N LYS C 134 -1.25 -28.35 5.83
CA LYS C 134 -1.16 -26.91 6.04
C LYS C 134 0.06 -26.30 5.38
N LEU C 135 -0.06 -25.02 5.02
CA LEU C 135 1.00 -24.30 4.33
C LEU C 135 1.41 -23.05 5.13
N VAL C 136 2.70 -22.93 5.40
CA VAL C 136 3.23 -21.79 6.12
C VAL C 136 4.31 -21.15 5.26
N LEU C 137 4.10 -19.87 4.92
CA LEU C 137 5.01 -19.13 4.07
C LEU C 137 5.69 -18.00 4.84
N MET C 138 7.01 -17.90 4.69
CA MET C 138 7.75 -16.84 5.35
C MET C 138 8.72 -16.14 4.39
N GLY C 139 8.47 -14.87 4.12
CA GLY C 139 9.33 -14.10 3.25
C GLY C 139 9.37 -14.50 1.78
N GLY C 140 8.39 -15.29 1.36
CA GLY C 140 8.35 -15.71 -0.03
C GLY C 140 7.05 -16.43 -0.33
N GLY C 141 6.84 -16.78 -1.60
CA GLY C 141 5.62 -17.48 -1.95
C GLY C 141 5.21 -17.28 -3.40
N THR C 142 5.38 -16.07 -3.92
CA THR C 142 5.02 -15.82 -5.30
C THR C 142 5.91 -14.83 -5.98
N GLY C 143 6.17 -15.05 -7.27
CA GLY C 143 7.00 -14.13 -8.01
C GLY C 143 6.12 -12.96 -8.33
N GLY C 144 6.71 -11.84 -8.69
CA GLY C 144 5.91 -10.67 -9.02
C GLY C 144 6.59 -9.39 -8.65
N MET C 145 6.00 -8.28 -9.04
CA MET C 145 6.56 -6.96 -8.78
C MET C 145 6.06 -6.42 -7.45
N SER C 146 6.86 -5.59 -6.80
CA SER C 146 6.46 -4.97 -5.55
C SER C 146 5.72 -3.71 -5.96
N LEU C 147 4.71 -3.31 -5.21
CA LEU C 147 3.98 -2.11 -5.58
C LEU C 147 4.64 -0.87 -5.03
N PHE C 148 5.43 -1.03 -3.98
CA PHE C 148 6.06 0.12 -3.33
C PHE C 148 7.57 0.17 -3.22
N THR C 149 8.22 -0.97 -3.14
CA THR C 149 9.67 -0.99 -2.97
C THR C 149 10.44 -1.21 -4.26
N PRO C 150 11.51 -0.43 -4.47
CA PRO C 150 12.36 -0.51 -5.65
C PRO C 150 12.99 -1.89 -5.83
N MET C 151 13.04 -2.34 -7.08
CA MET C 151 13.65 -3.63 -7.40
C MET C 151 14.62 -3.45 -8.57
N PRO C 152 15.71 -4.25 -8.61
CA PRO C 152 16.03 -5.28 -7.61
C PRO C 152 16.21 -4.66 -6.24
N THR C 153 15.76 -5.36 -5.20
CA THR C 153 15.86 -4.85 -3.84
C THR C 153 17.29 -4.73 -3.34
N GLU C 154 17.44 -3.85 -2.35
CA GLU C 154 18.72 -3.60 -1.70
C GLU C 154 19.39 -4.92 -1.34
N GLY C 155 18.63 -5.84 -0.78
CA GLY C 155 19.17 -7.13 -0.38
C GLY C 155 19.54 -8.06 -1.53
N ILE C 156 18.64 -8.21 -2.50
CA ILE C 156 18.92 -9.09 -3.63
C ILE C 156 20.19 -8.66 -4.36
N LYS C 157 20.49 -7.36 -4.33
CA LYS C 157 21.69 -6.90 -4.98
C LYS C 157 22.90 -7.46 -4.24
N ARG C 158 22.88 -7.39 -2.92
CA ARG C 158 24.00 -7.91 -2.14
C ARG C 158 24.08 -9.44 -2.22
N LEU C 159 22.93 -10.09 -2.37
CA LEU C 159 22.93 -11.54 -2.48
C LEU C 159 23.51 -11.94 -3.83
N ASN C 160 23.15 -11.22 -4.88
CA ASN C 160 23.65 -11.52 -6.21
C ASN C 160 25.15 -11.22 -6.31
N GLN C 161 25.58 -10.15 -5.63
CA GLN C 161 26.98 -9.76 -5.63
C GLN C 161 27.81 -10.81 -4.89
N LEU C 162 27.32 -11.26 -3.74
CA LEU C 162 28.02 -12.28 -2.95
C LEU C 162 28.21 -13.55 -3.77
N TYR C 163 27.18 -13.91 -4.53
CA TYR C 163 27.25 -15.13 -5.34
C TYR C 163 28.34 -15.06 -6.39
N ARG C 164 28.58 -13.87 -6.94
CA ARG C 164 29.62 -13.70 -7.95
C ARG C 164 31.00 -13.56 -7.31
N GLN C 165 31.04 -12.94 -6.14
CA GLN C 165 32.28 -12.74 -5.39
C GLN C 165 32.08 -13.28 -3.98
N PRO C 166 32.31 -14.59 -3.79
CA PRO C 166 32.16 -15.25 -2.49
C PRO C 166 33.25 -14.89 -1.49
N THR C 167 33.30 -13.63 -1.08
CA THR C 167 34.31 -13.18 -0.12
C THR C 167 33.67 -12.99 1.24
N ILE C 168 34.49 -12.96 2.29
CA ILE C 168 33.99 -12.77 3.64
C ILE C 168 33.32 -11.41 3.80
N GLU C 169 33.90 -10.40 3.14
CA GLU C 169 33.37 -9.05 3.20
C GLU C 169 31.95 -8.99 2.62
N ASN C 170 31.72 -9.67 1.50
CA ASN C 170 30.39 -9.68 0.90
C ASN C 170 29.39 -10.47 1.73
N LEU C 171 29.87 -11.47 2.48
CA LEU C 171 29.00 -12.28 3.32
C LEU C 171 28.51 -11.37 4.43
N LYS C 172 29.42 -10.54 4.93
CA LYS C 172 29.10 -9.60 6.01
C LYS C 172 28.19 -8.49 5.49
N LEU C 173 28.46 -8.02 4.27
CA LEU C 173 27.63 -6.98 3.67
C LEU C 173 26.20 -7.49 3.55
N MET C 174 26.04 -8.71 3.03
CA MET C 174 24.72 -9.29 2.87
C MET C 174 23.99 -9.57 4.18
N MET C 175 24.64 -10.27 5.10
CA MET C 175 24.03 -10.60 6.37
C MET C 175 23.70 -9.38 7.22
N ASP C 176 24.46 -8.30 7.05
CA ASP C 176 24.23 -7.10 7.84
C ASP C 176 22.84 -6.48 7.63
N ILE C 177 22.25 -6.72 6.45
CA ILE C 177 20.91 -6.20 6.18
C ILE C 177 19.92 -7.36 6.02
N PHE C 178 20.35 -8.57 6.39
CA PHE C 178 19.51 -9.75 6.29
C PHE C 178 18.54 -9.82 7.47
N VAL C 179 18.99 -9.30 8.61
CA VAL C 179 18.19 -9.29 9.84
C VAL C 179 18.16 -7.90 10.46
N PHE C 180 17.04 -7.56 11.09
CA PHE C 180 16.83 -6.26 11.71
C PHE C 180 17.88 -5.94 12.77
N ASP C 181 18.15 -6.89 13.67
CA ASP C 181 19.13 -6.69 14.74
C ASP C 181 20.30 -7.64 14.53
N THR C 182 21.36 -7.14 13.90
CA THR C 182 22.53 -7.97 13.62
C THR C 182 23.17 -8.57 14.87
N SER C 183 22.87 -8.01 16.04
CA SER C 183 23.41 -8.54 17.29
C SER C 183 22.94 -9.98 17.47
N ASP C 184 21.99 -10.38 16.63
CA ASP C 184 21.44 -11.72 16.65
C ASP C 184 22.30 -12.71 15.86
N LEU C 185 23.00 -12.22 14.86
CA LEU C 185 23.87 -13.09 14.07
C LEU C 185 24.94 -13.64 14.99
N THR C 186 25.15 -14.95 14.95
CA THR C 186 26.16 -15.57 15.78
C THR C 186 27.35 -15.96 14.91
N ASP C 187 28.50 -16.13 15.54
CA ASP C 187 29.71 -16.50 14.82
C ASP C 187 29.57 -17.90 14.27
N ALA C 188 28.87 -18.76 15.01
CA ALA C 188 28.67 -20.13 14.57
C ALA C 188 27.86 -20.06 13.29
N LEU C 189 26.80 -19.26 13.34
CA LEU C 189 25.90 -19.07 12.21
C LEU C 189 26.71 -18.58 11.03
N PHE C 190 27.45 -17.49 11.24
CA PHE C 190 28.25 -16.92 10.18
C PHE C 190 29.23 -17.94 9.60
N GLU C 191 30.01 -18.57 10.48
CA GLU C 191 31.01 -19.56 10.07
C GLU C 191 30.42 -20.74 9.31
N ALA C 192 29.22 -21.18 9.70
CA ALA C 192 28.58 -22.32 9.05
C ALA C 192 28.25 -21.97 7.59
N ARG C 193 27.73 -20.77 7.38
CA ARG C 193 27.38 -20.29 6.05
C ARG C 193 28.64 -20.20 5.21
N LEU C 194 29.60 -19.45 5.73
CA LEU C 194 30.87 -19.26 5.06
C LEU C 194 31.47 -20.61 4.66
N ASN C 195 31.47 -21.54 5.60
CA ASN C 195 32.01 -22.87 5.32
C ASN C 195 31.21 -23.51 4.19
N ASN C 196 29.88 -23.45 4.27
CA ASN C 196 29.04 -24.02 3.21
C ASN C 196 29.27 -23.31 1.87
N MET C 197 29.54 -22.02 1.92
CA MET C 197 29.80 -21.26 0.70
C MET C 197 31.04 -21.81 0.01
N LEU C 198 32.18 -21.64 0.68
CA LEU C 198 33.48 -22.08 0.19
C LEU C 198 33.65 -23.58 -0.07
N SER C 199 32.92 -24.41 0.65
CA SER C 199 33.05 -25.85 0.45
C SER C 199 32.35 -26.34 -0.81
N ARG C 200 31.46 -25.53 -1.37
CA ARG C 200 30.76 -25.93 -2.59
C ARG C 200 30.69 -24.79 -3.61
N ARG C 201 31.84 -24.46 -4.21
CA ARG C 201 31.88 -23.41 -5.21
C ARG C 201 31.12 -23.79 -6.46
N ASP C 202 30.82 -25.07 -6.62
CA ASP C 202 30.07 -25.52 -7.77
C ASP C 202 28.64 -24.97 -7.67
N HIS C 203 28.13 -24.86 -6.45
CA HIS C 203 26.79 -24.32 -6.22
C HIS C 203 26.73 -22.84 -6.59
N LEU C 204 27.67 -22.07 -6.05
CA LEU C 204 27.76 -20.64 -6.28
C LEU C 204 27.89 -20.30 -7.76
N GLU C 205 28.69 -21.08 -8.48
CA GLU C 205 28.90 -20.87 -9.91
C GLU C 205 27.65 -21.22 -10.73
N ASN C 206 26.96 -22.27 -10.33
CA ASN C 206 25.76 -22.69 -11.04
C ASN C 206 24.56 -21.78 -10.75
N PHE C 207 24.57 -21.13 -9.59
CA PHE C 207 23.49 -20.23 -9.24
C PHE C 207 23.56 -19.05 -10.20
N VAL C 208 24.77 -18.51 -10.35
CA VAL C 208 25.03 -17.39 -11.24
C VAL C 208 24.67 -17.74 -12.68
N LYS C 209 25.03 -18.96 -13.09
CA LYS C 209 24.74 -19.41 -14.43
C LYS C 209 23.25 -19.55 -14.64
N SER C 210 22.56 -20.01 -13.61
CA SER C 210 21.10 -20.18 -13.68
C SER C 210 20.45 -18.83 -13.96
N LEU C 211 20.97 -17.79 -13.31
CA LEU C 211 20.45 -16.43 -13.50
C LEU C 211 20.74 -15.92 -14.91
N GLU C 212 21.88 -16.31 -15.46
CA GLU C 212 22.25 -15.88 -16.80
C GLU C 212 21.35 -16.58 -17.81
N ALA C 213 21.11 -17.85 -17.59
CA ALA C 213 20.25 -18.65 -18.48
C ALA C 213 18.79 -18.19 -18.37
N ASN C 214 18.38 -17.81 -17.16
CA ASN C 214 17.00 -17.37 -16.93
C ASN C 214 16.93 -16.42 -15.73
N PRO C 215 16.82 -15.12 -15.98
CA PRO C 215 16.74 -14.04 -14.98
C PRO C 215 15.55 -14.13 -14.03
N LYS C 216 14.43 -14.66 -14.50
CA LYS C 216 13.22 -14.79 -13.70
C LYS C 216 13.06 -16.22 -13.20
N GLN C 217 13.82 -16.57 -12.17
CA GLN C 217 13.78 -17.91 -11.61
C GLN C 217 12.44 -18.29 -10.98
N PHE C 218 11.68 -17.28 -10.53
CA PHE C 218 10.42 -17.53 -9.85
C PHE C 218 9.17 -16.99 -10.55
N PRO C 219 8.28 -17.89 -11.00
CA PRO C 219 7.04 -17.55 -11.69
C PRO C 219 6.15 -16.72 -10.78
N ASP C 220 5.21 -16.00 -11.39
CA ASP C 220 4.27 -15.20 -10.63
C ASP C 220 3.00 -16.06 -10.56
N PHE C 221 2.73 -16.61 -9.38
CA PHE C 221 1.56 -17.47 -9.17
C PHE C 221 0.32 -16.68 -8.79
N GLY C 222 0.42 -15.36 -8.85
CA GLY C 222 -0.71 -14.51 -8.48
C GLY C 222 -2.07 -14.98 -8.96
N PRO C 223 -2.27 -15.08 -10.27
CA PRO C 223 -3.55 -15.52 -10.85
C PRO C 223 -4.07 -16.89 -10.43
N ARG C 224 -3.19 -17.73 -9.89
CA ARG C 224 -3.60 -19.08 -9.47
C ARG C 224 -3.75 -19.25 -7.96
N LEU C 225 -3.53 -18.19 -7.19
CA LEU C 225 -3.64 -18.28 -5.74
C LEU C 225 -5.04 -18.66 -5.29
N ALA C 226 -6.04 -18.41 -6.13
CA ALA C 226 -7.42 -18.76 -5.80
C ALA C 226 -7.60 -20.28 -5.77
N GLU C 227 -6.63 -21.00 -6.33
CA GLU C 227 -6.67 -22.46 -6.39
C GLU C 227 -6.35 -23.10 -5.05
N ILE C 228 -5.54 -22.43 -4.24
CA ILE C 228 -5.14 -22.99 -2.95
C ILE C 228 -6.27 -23.12 -1.94
N LYS C 229 -6.46 -24.33 -1.44
CA LYS C 229 -7.50 -24.63 -0.48
C LYS C 229 -6.89 -24.99 0.87
N ALA C 230 -5.57 -25.01 0.91
CA ALA C 230 -4.86 -25.34 2.15
C ALA C 230 -4.94 -24.16 3.12
N GLN C 231 -5.12 -24.46 4.41
CA GLN C 231 -5.15 -23.40 5.42
C GLN C 231 -3.72 -22.85 5.38
N THR C 232 -3.59 -21.56 5.13
CA THR C 232 -2.26 -20.95 5.00
C THR C 232 -1.96 -19.88 6.03
N LEU C 233 -0.70 -19.81 6.45
CA LEU C 233 -0.23 -18.82 7.41
C LEU C 233 1.00 -18.19 6.77
N ILE C 234 0.97 -16.87 6.64
CA ILE C 234 2.06 -16.12 6.03
C ILE C 234 2.76 -15.31 7.10
N VAL C 235 4.09 -15.38 7.11
CA VAL C 235 4.88 -14.64 8.09
C VAL C 235 5.88 -13.74 7.35
N TRP C 236 6.02 -12.51 7.83
CA TRP C 236 6.90 -11.54 7.20
C TRP C 236 7.46 -10.53 8.18
N GLY C 237 8.60 -9.95 7.82
CA GLY C 237 9.20 -8.93 8.64
C GLY C 237 8.89 -7.61 7.94
N ARG C 238 8.49 -6.61 8.71
CA ARG C 238 8.17 -5.31 8.15
C ARG C 238 9.41 -4.68 7.50
N ASN C 239 10.57 -4.95 8.09
CA ASN C 239 11.82 -4.38 7.59
C ASN C 239 12.62 -5.34 6.71
N ASP C 240 11.92 -6.24 6.02
CA ASP C 240 12.58 -7.19 5.12
C ASP C 240 13.15 -6.37 3.97
N ARG C 241 14.48 -6.36 3.85
CA ARG C 241 15.13 -5.60 2.78
C ARG C 241 15.42 -6.42 1.53
N PHE C 242 15.10 -7.71 1.57
CA PHE C 242 15.34 -8.59 0.43
C PHE C 242 14.07 -8.80 -0.40
N VAL C 243 12.96 -9.09 0.26
CA VAL C 243 11.67 -9.27 -0.42
C VAL C 243 10.68 -8.31 0.26
N PRO C 244 10.14 -7.34 -0.49
CA PRO C 244 9.18 -6.40 0.10
C PRO C 244 7.99 -7.05 0.80
N MET C 245 7.61 -6.47 1.92
CA MET C 245 6.49 -6.92 2.73
C MET C 245 5.16 -6.96 1.97
N ASP C 246 4.96 -6.09 0.99
CA ASP C 246 3.69 -6.13 0.29
C ASP C 246 3.53 -7.42 -0.48
N ALA C 247 4.62 -8.19 -0.61
CA ALA C 247 4.52 -9.48 -1.27
C ALA C 247 3.68 -10.35 -0.32
N GLY C 248 3.86 -10.12 0.98
CA GLY C 248 3.08 -10.86 1.97
C GLY C 248 1.62 -10.46 1.84
N LEU C 249 1.38 -9.19 1.57
CA LEU C 249 0.01 -8.68 1.41
C LEU C 249 -0.66 -9.34 0.19
N ARG C 250 0.11 -9.56 -0.88
CA ARG C 250 -0.43 -10.18 -2.09
C ARG C 250 -0.86 -11.62 -1.80
N LEU C 251 0.00 -12.35 -1.11
CA LEU C 251 -0.27 -13.73 -0.77
C LEU C 251 -1.53 -13.80 0.08
N LEU C 252 -1.67 -12.83 0.99
CA LEU C 252 -2.83 -12.77 1.89
C LEU C 252 -4.12 -12.54 1.11
N SER C 253 -4.07 -11.63 0.14
CA SER C 253 -5.24 -11.31 -0.67
C SER C 253 -5.61 -12.43 -1.63
N GLY C 254 -4.62 -13.19 -2.09
CA GLY C 254 -4.90 -14.26 -3.03
C GLY C 254 -5.35 -15.59 -2.46
N ILE C 255 -4.87 -15.95 -1.27
CA ILE C 255 -5.23 -17.23 -0.67
C ILE C 255 -6.37 -17.10 0.33
N ALA C 256 -7.54 -17.60 -0.03
CA ALA C 256 -8.71 -17.52 0.84
C ALA C 256 -8.45 -18.19 2.18
N GLY C 257 -9.02 -17.63 3.24
CA GLY C 257 -8.86 -18.19 4.57
C GLY C 257 -7.46 -18.10 5.16
N SER C 258 -6.56 -17.36 4.53
CA SER C 258 -5.20 -17.24 5.05
C SER C 258 -5.11 -16.16 6.11
N GLU C 259 -3.98 -16.14 6.82
CA GLU C 259 -3.71 -15.14 7.84
C GLU C 259 -2.29 -14.66 7.63
N LEU C 260 -2.01 -13.40 7.97
CA LEU C 260 -0.67 -12.85 7.82
C LEU C 260 -0.20 -12.31 9.16
N HIS C 261 1.01 -12.67 9.56
CA HIS C 261 1.56 -12.17 10.80
C HIS C 261 2.83 -11.42 10.45
N ILE C 262 2.90 -10.14 10.80
CA ILE C 262 4.08 -9.34 10.49
C ILE C 262 4.78 -8.84 11.73
N PHE C 263 6.08 -9.13 11.83
CA PHE C 263 6.91 -8.64 12.94
C PHE C 263 7.53 -7.34 12.43
N ARG C 264 7.29 -6.23 13.12
CA ARG C 264 7.86 -4.95 12.68
C ARG C 264 9.38 -4.95 12.73
N ASP C 265 9.96 -5.19 13.91
CA ASP C 265 11.41 -5.19 14.07
C ASP C 265 11.96 -6.52 13.59
N CYS C 266 11.92 -6.73 12.29
CA CYS C 266 12.35 -7.99 11.71
C CYS C 266 12.79 -7.85 10.26
N GLY C 267 13.83 -8.61 9.90
CA GLY C 267 14.33 -8.57 8.54
C GLY C 267 13.73 -9.67 7.67
N HIS C 268 14.58 -10.35 6.91
CA HIS C 268 14.14 -11.40 5.98
C HIS C 268 14.27 -12.81 6.57
N TRP C 269 14.42 -12.92 7.88
CA TRP C 269 14.59 -14.23 8.50
C TRP C 269 13.85 -14.30 9.83
N ALA C 270 12.52 -14.16 9.77
CA ALA C 270 11.68 -14.17 10.97
C ALA C 270 11.74 -15.45 11.80
N GLN C 271 11.82 -16.60 11.13
CA GLN C 271 11.89 -17.88 11.81
C GLN C 271 13.08 -17.92 12.76
N TRP C 272 14.08 -17.09 12.48
CA TRP C 272 15.26 -17.01 13.32
C TRP C 272 15.24 -15.77 14.23
N GLU C 273 14.91 -14.61 13.65
CA GLU C 273 14.86 -13.38 14.44
C GLU C 273 13.80 -13.40 15.55
N HIS C 274 12.67 -14.04 15.29
CA HIS C 274 11.60 -14.13 16.29
C HIS C 274 11.20 -15.59 16.42
N ALA C 275 12.21 -16.44 16.62
CA ALA C 275 12.03 -17.88 16.74
C ALA C 275 10.90 -18.33 17.66
N ASP C 276 10.92 -17.88 18.91
CA ASP C 276 9.87 -18.28 19.84
C ASP C 276 8.48 -17.86 19.39
N ALA C 277 8.31 -16.61 18.97
CA ALA C 277 7.00 -16.17 18.51
C ALA C 277 6.63 -17.03 17.30
N PHE C 278 7.60 -17.28 16.43
CA PHE C 278 7.37 -18.07 15.22
C PHE C 278 7.00 -19.52 15.52
N ASN C 279 7.82 -20.20 16.30
CA ASN C 279 7.53 -21.60 16.61
C ASN C 279 6.17 -21.73 17.29
N GLN C 280 5.79 -20.72 18.06
CA GLN C 280 4.51 -20.77 18.74
C GLN C 280 3.36 -20.56 17.75
N LEU C 281 3.56 -19.69 16.77
CA LEU C 281 2.52 -19.45 15.76
C LEU C 281 2.34 -20.72 14.94
N VAL C 282 3.45 -21.31 14.52
CA VAL C 282 3.42 -22.53 13.72
C VAL C 282 2.78 -23.71 14.45
N LEU C 283 3.22 -24.00 15.66
CA LEU C 283 2.63 -25.09 16.44
C LEU C 283 1.12 -24.87 16.60
N ASN C 284 0.72 -23.64 16.95
CA ASN C 284 -0.69 -23.33 17.10
C ASN C 284 -1.40 -23.60 15.77
N PHE C 285 -0.82 -23.09 14.68
CA PHE C 285 -1.42 -23.27 13.36
C PHE C 285 -1.53 -24.73 12.97
N LEU C 286 -0.40 -25.44 13.05
CA LEU C 286 -0.39 -26.86 12.70
C LEU C 286 -1.38 -27.69 13.52
N ALA C 287 -1.72 -27.23 14.71
CA ALA C 287 -2.65 -27.96 15.58
C ALA C 287 -4.11 -27.70 15.28
N ARG C 288 -4.39 -26.72 14.42
CA ARG C 288 -5.78 -26.40 14.06
C ARG C 288 -6.46 -27.55 13.33
N PRO C 289 -7.76 -27.74 13.54
CA PRO C 289 -8.41 -28.85 12.84
C PRO C 289 -8.49 -28.61 11.32
N GLN D 5 17.53 33.76 -24.39
CA GLN D 5 18.85 33.61 -23.73
C GLN D 5 18.77 32.91 -22.38
N PRO D 6 19.25 31.66 -22.31
CA PRO D 6 19.25 30.84 -21.10
C PRO D 6 19.93 31.55 -19.93
N GLN D 7 19.30 31.46 -18.76
CA GLN D 7 19.82 32.08 -17.56
C GLN D 7 21.18 31.50 -17.17
N THR D 8 22.01 32.30 -16.50
CA THR D 8 23.32 31.85 -16.04
C THR D 8 23.39 32.09 -14.54
N GLU D 9 24.08 31.19 -13.85
CA GLU D 9 24.22 31.28 -12.40
C GLU D 9 24.90 32.58 -11.98
N ALA D 10 25.94 32.96 -12.72
CA ALA D 10 26.69 34.17 -12.41
C ALA D 10 25.87 35.45 -12.46
N ALA D 11 25.13 35.64 -13.54
CA ALA D 11 24.31 36.83 -13.71
C ALA D 11 23.17 36.98 -12.70
N THR D 12 22.59 35.87 -12.28
CA THR D 12 21.47 35.90 -11.35
C THR D 12 21.84 35.83 -9.87
N SER D 13 23.10 35.53 -9.59
CA SER D 13 23.53 35.42 -8.19
C SER D 13 23.24 36.67 -7.38
N ARG D 14 22.74 36.46 -6.16
CA ARG D 14 22.41 37.56 -5.24
C ARG D 14 22.65 37.09 -3.80
N PHE D 15 22.72 38.05 -2.89
CA PHE D 15 22.92 37.77 -1.48
C PHE D 15 22.00 38.67 -0.67
N LEU D 16 21.65 38.22 0.52
CA LEU D 16 20.76 38.97 1.40
C LEU D 16 21.07 38.50 2.83
N ASN D 17 20.81 39.36 3.81
CA ASN D 17 21.06 38.98 5.20
C ASN D 17 19.76 38.61 5.89
N VAL D 18 19.80 37.51 6.65
CA VAL D 18 18.63 37.02 7.36
C VAL D 18 18.93 36.83 8.83
N GLU D 19 18.03 37.30 9.68
CA GLU D 19 18.21 37.14 11.11
C GLU D 19 17.61 35.79 11.49
N GLU D 20 18.42 34.95 12.12
CA GLU D 20 17.97 33.63 12.53
C GLU D 20 18.64 33.21 13.83
N ALA D 21 17.84 32.86 14.82
CA ALA D 21 18.38 32.41 16.10
C ALA D 21 19.25 33.49 16.74
N GLY D 22 18.87 34.74 16.54
CA GLY D 22 19.63 35.84 17.11
C GLY D 22 20.91 36.14 16.36
N LYS D 23 21.19 35.36 15.33
CA LYS D 23 22.40 35.59 14.54
C LYS D 23 22.02 36.09 13.16
N THR D 24 22.99 36.74 12.50
CA THR D 24 22.79 37.27 11.16
C THR D 24 23.52 36.39 10.17
N LEU D 25 22.78 35.73 9.28
CA LEU D 25 23.44 34.88 8.30
C LEU D 25 23.24 35.40 6.88
N ARG D 26 24.28 35.25 6.09
CA ARG D 26 24.28 35.67 4.70
C ARG D 26 23.72 34.53 3.87
N ILE D 27 22.65 34.84 3.13
CA ILE D 27 21.97 33.86 2.31
C ILE D 27 22.11 34.16 0.83
N HIS D 28 22.51 33.16 0.06
CA HIS D 28 22.67 33.29 -1.38
C HIS D 28 21.52 32.66 -2.16
N PHE D 29 21.14 33.31 -3.24
CA PHE D 29 20.07 32.81 -4.10
C PHE D 29 20.23 33.39 -5.50
N ASN D 30 19.62 32.74 -6.48
CA ASN D 30 19.66 33.23 -7.84
C ASN D 30 18.28 33.79 -8.16
N ASP D 31 18.25 35.05 -8.55
CA ASP D 31 17.01 35.75 -8.88
C ASP D 31 16.96 35.91 -10.40
N CYS D 32 16.18 35.05 -11.07
CA CYS D 32 16.06 35.07 -12.52
C CYS D 32 14.73 35.64 -12.98
N GLY D 33 14.74 36.30 -14.14
CA GLY D 33 13.51 36.86 -14.69
C GLY D 33 13.01 38.09 -13.99
N GLN D 34 11.78 38.50 -14.30
CA GLN D 34 11.18 39.69 -13.70
C GLN D 34 9.66 39.67 -13.79
N GLY D 35 9.11 38.54 -14.25
CA GLY D 35 7.67 38.41 -14.39
C GLY D 35 6.83 38.89 -13.23
N ASP D 36 5.52 38.75 -13.36
CA ASP D 36 4.59 39.14 -12.30
C ASP D 36 4.58 38.10 -11.20
N GLU D 37 4.21 36.87 -11.57
CA GLU D 37 4.17 35.76 -10.64
C GLU D 37 5.57 35.25 -10.35
N THR D 38 5.78 34.80 -9.12
CA THR D 38 7.09 34.31 -8.72
C THR D 38 7.06 32.85 -8.32
N VAL D 39 8.12 32.12 -8.69
CA VAL D 39 8.24 30.71 -8.36
C VAL D 39 9.54 30.48 -7.59
N VAL D 40 9.42 29.87 -6.41
CA VAL D 40 10.59 29.60 -5.59
C VAL D 40 10.94 28.13 -5.68
N LEU D 41 12.20 27.85 -5.99
CA LEU D 41 12.70 26.50 -6.11
C LEU D 41 13.60 26.18 -4.92
N LEU D 42 13.21 25.20 -4.12
CA LEU D 42 14.00 24.80 -2.94
C LEU D 42 14.63 23.43 -3.14
N HIS D 43 15.96 23.39 -3.07
CA HIS D 43 16.76 22.19 -3.28
C HIS D 43 16.72 21.06 -2.24
N GLY D 44 17.39 19.97 -2.59
CA GLY D 44 17.45 18.81 -1.72
C GLY D 44 18.57 18.89 -0.70
N SER D 45 18.74 17.84 0.10
CA SER D 45 19.77 17.80 1.13
C SER D 45 21.04 17.06 0.72
N GLY D 46 21.14 16.67 -0.54
CA GLY D 46 22.33 15.96 -0.99
C GLY D 46 23.60 16.74 -0.73
N PRO D 47 24.74 16.07 -0.54
CA PRO D 47 26.00 16.81 -0.30
C PRO D 47 26.38 17.58 -1.57
N GLY D 48 26.65 18.87 -1.42
CA GLY D 48 27.04 19.65 -2.58
C GLY D 48 25.88 20.10 -3.43
N ALA D 49 24.68 19.96 -2.89
CA ALA D 49 23.48 20.37 -3.62
C ALA D 49 23.30 21.88 -3.55
N THR D 50 22.64 22.44 -4.56
CA THR D 50 22.35 23.86 -4.61
C THR D 50 21.11 24.02 -5.47
N GLY D 51 20.47 25.18 -5.39
CA GLY D 51 19.31 25.41 -6.21
C GLY D 51 19.65 25.24 -7.69
N TRP D 52 20.71 25.90 -8.14
CA TRP D 52 21.10 25.84 -9.53
C TRP D 52 21.40 24.42 -10.03
N ALA D 53 22.27 23.73 -9.31
CA ALA D 53 22.62 22.36 -9.69
C ALA D 53 21.37 21.48 -9.69
N ASN D 54 20.53 21.61 -8.65
CA ASN D 54 19.31 20.81 -8.57
C ASN D 54 18.34 21.10 -9.70
N PHE D 55 18.13 22.39 -9.98
CA PHE D 55 17.15 22.80 -10.98
C PHE D 55 17.62 23.28 -12.35
N SER D 56 18.90 23.09 -12.66
CA SER D 56 19.44 23.55 -13.93
C SER D 56 18.56 23.26 -15.14
N ARG D 57 17.83 22.14 -15.10
CA ARG D 57 16.96 21.76 -16.23
C ARG D 57 15.52 22.27 -16.15
N ASN D 58 15.18 23.01 -15.10
CA ASN D 58 13.82 23.50 -14.96
C ASN D 58 13.72 25.03 -14.87
N ILE D 59 14.86 25.70 -14.88
CA ILE D 59 14.88 27.15 -14.77
C ILE D 59 14.36 27.91 -16.00
N ASP D 60 14.94 27.65 -17.17
CA ASP D 60 14.56 28.35 -18.39
C ASP D 60 13.11 28.20 -18.85
N PRO D 61 12.56 26.98 -18.81
CA PRO D 61 11.16 26.82 -19.24
C PRO D 61 10.28 27.72 -18.38
N LEU D 62 10.62 27.81 -17.09
CA LEU D 62 9.87 28.63 -16.16
C LEU D 62 10.03 30.11 -16.54
N VAL D 63 11.27 30.57 -16.66
CA VAL D 63 11.51 31.97 -17.01
C VAL D 63 10.89 32.34 -18.35
N GLU D 64 11.02 31.46 -19.34
CA GLU D 64 10.44 31.71 -20.66
C GLU D 64 8.92 31.84 -20.56
N ALA D 65 8.32 31.18 -19.58
CA ALA D 65 6.88 31.23 -19.41
C ALA D 65 6.46 32.58 -18.83
N GLY D 66 7.43 33.38 -18.42
CA GLY D 66 7.12 34.68 -17.87
C GLY D 66 7.15 34.80 -16.36
N TYR D 67 7.67 33.79 -15.68
CA TYR D 67 7.74 33.82 -14.22
C TYR D 67 9.08 34.32 -13.75
N ARG D 68 9.09 34.95 -12.58
CA ARG D 68 10.35 35.38 -11.98
C ARG D 68 10.71 34.13 -11.18
N VAL D 69 11.93 33.65 -11.31
CA VAL D 69 12.33 32.45 -10.61
C VAL D 69 13.44 32.67 -9.61
N ILE D 70 13.21 32.18 -8.40
CA ILE D 70 14.18 32.32 -7.32
C ILE D 70 14.56 30.96 -6.77
N LEU D 71 15.86 30.68 -6.75
CA LEU D 71 16.37 29.41 -6.24
C LEU D 71 17.17 29.69 -4.99
N LEU D 72 16.52 29.56 -3.85
CA LEU D 72 17.16 29.82 -2.57
C LEU D 72 18.13 28.73 -2.15
N ASP D 73 19.28 29.15 -1.64
CA ASP D 73 20.26 28.19 -1.16
C ASP D 73 20.12 28.22 0.35
N CYS D 74 19.47 27.19 0.87
CA CYS D 74 19.24 27.11 2.30
C CYS D 74 20.57 27.09 3.06
N PRO D 75 20.59 27.72 4.25
CA PRO D 75 21.82 27.73 5.04
C PRO D 75 22.30 26.30 5.30
N GLY D 76 23.56 26.03 4.99
CA GLY D 76 24.12 24.71 5.18
C GLY D 76 24.40 24.11 3.81
N TRP D 77 24.12 24.90 2.78
CA TRP D 77 24.32 24.50 1.39
C TRP D 77 24.76 25.69 0.55
N GLY D 78 25.48 25.40 -0.53
CA GLY D 78 25.93 26.44 -1.44
C GLY D 78 26.71 27.62 -0.86
N LYS D 79 26.63 28.74 -1.57
CA LYS D 79 27.33 29.97 -1.19
C LYS D 79 26.79 30.61 0.08
N SER D 80 25.66 30.11 0.57
CA SER D 80 25.08 30.64 1.79
C SER D 80 25.91 30.26 3.00
N ASP D 81 25.71 30.97 4.10
CA ASP D 81 26.43 30.66 5.34
C ASP D 81 26.03 29.26 5.80
N SER D 82 26.90 28.62 6.56
CA SER D 82 26.62 27.28 7.06
C SER D 82 25.79 27.42 8.34
N VAL D 83 25.38 26.28 8.92
CA VAL D 83 24.59 26.32 10.14
C VAL D 83 24.48 24.93 10.76
N VAL D 84 24.25 24.88 12.06
CA VAL D 84 24.09 23.62 12.75
C VAL D 84 22.64 23.61 13.24
N ASN D 85 21.81 22.78 12.63
CA ASN D 85 20.41 22.71 12.98
C ASN D 85 20.05 21.62 13.97
N SER D 86 19.53 22.03 15.12
CA SER D 86 19.13 21.09 16.16
C SER D 86 17.61 20.98 16.21
N GLY D 87 16.92 21.82 15.44
CA GLY D 87 15.47 21.79 15.43
C GLY D 87 14.90 21.32 14.10
N SER D 88 13.74 21.87 13.74
CA SER D 88 13.08 21.51 12.48
C SER D 88 13.77 22.13 11.27
N ARG D 89 14.36 21.27 10.44
CA ARG D 89 15.04 21.71 9.24
C ARG D 89 14.04 22.41 8.33
N SER D 90 12.85 21.83 8.22
CA SER D 90 11.77 22.35 7.40
C SER D 90 11.40 23.78 7.74
N ASP D 91 11.22 24.04 9.03
CA ASP D 91 10.84 25.36 9.51
C ASP D 91 11.98 26.37 9.46
N LEU D 92 13.21 25.88 9.53
CA LEU D 92 14.38 26.74 9.46
C LEU D 92 14.51 27.31 8.05
N ASN D 93 14.37 26.45 7.05
CA ASN D 93 14.46 26.90 5.67
C ASN D 93 13.29 27.82 5.35
N ALA D 94 12.10 27.47 5.84
CA ALA D 94 10.93 28.29 5.60
C ALA D 94 11.16 29.68 6.19
N ARG D 95 11.78 29.73 7.37
CA ARG D 95 12.07 31.00 8.03
C ARG D 95 12.96 31.87 7.14
N ILE D 96 14.01 31.28 6.60
CA ILE D 96 14.93 31.99 5.72
C ILE D 96 14.19 32.50 4.49
N LEU D 97 13.37 31.64 3.92
CA LEU D 97 12.59 31.99 2.73
C LEU D 97 11.66 33.14 3.06
N LYS D 98 11.12 33.12 4.28
CA LYS D 98 10.20 34.15 4.73
C LYS D 98 10.86 35.54 4.73
N SER D 99 12.10 35.59 5.20
CA SER D 99 12.84 36.84 5.26
C SER D 99 13.21 37.31 3.86
N VAL D 100 13.64 36.39 3.01
CA VAL D 100 14.01 36.75 1.65
C VAL D 100 12.86 37.36 0.86
N VAL D 101 11.69 36.73 0.89
CA VAL D 101 10.55 37.26 0.15
C VAL D 101 10.04 38.61 0.70
N ASP D 102 10.12 38.79 2.02
CA ASP D 102 9.68 40.05 2.61
C ASP D 102 10.62 41.17 2.16
N GLN D 103 11.91 40.89 2.20
CA GLN D 103 12.90 41.86 1.78
C GLN D 103 12.78 42.21 0.29
N LEU D 104 12.53 41.20 -0.54
CA LEU D 104 12.38 41.43 -1.98
C LEU D 104 10.97 41.93 -2.26
N ASP D 105 10.21 42.10 -1.20
CA ASP D 105 8.85 42.61 -1.29
C ASP D 105 7.96 41.79 -2.22
N ILE D 106 8.01 40.47 -2.12
CA ILE D 106 7.18 39.60 -2.96
C ILE D 106 5.95 39.14 -2.15
N ALA D 107 4.76 39.49 -2.66
CA ALA D 107 3.52 39.15 -1.98
C ALA D 107 3.15 37.68 -2.00
N LYS D 108 3.29 37.04 -3.15
CA LYS D 108 2.93 35.63 -3.27
C LYS D 108 3.94 34.87 -4.10
N ILE D 109 4.16 33.61 -3.72
CA ILE D 109 5.09 32.76 -4.44
C ILE D 109 4.52 31.39 -4.69
N HIS D 110 4.93 30.79 -5.80
CA HIS D 110 4.56 29.42 -6.11
C HIS D 110 5.79 28.70 -5.59
N LEU D 111 5.62 27.47 -5.11
CA LEU D 111 6.74 26.70 -4.57
C LEU D 111 6.96 25.34 -5.24
N LEU D 112 8.20 25.04 -5.59
CA LEU D 112 8.59 23.77 -6.16
C LEU D 112 9.65 23.26 -5.20
N GLY D 113 9.28 22.30 -4.37
CA GLY D 113 10.17 21.75 -3.37
C GLY D 113 10.68 20.36 -3.69
N ASN D 114 11.99 20.21 -3.69
CA ASN D 114 12.62 18.94 -4.01
C ASN D 114 13.17 18.28 -2.74
N SER D 115 12.56 17.16 -2.35
CA SER D 115 13.02 16.43 -1.16
C SER D 115 12.94 17.36 0.04
N MET D 116 14.10 17.67 0.63
CA MET D 116 14.12 18.60 1.77
C MET D 116 13.31 19.82 1.38
N GLY D 117 13.47 20.25 0.13
CA GLY D 117 12.75 21.41 -0.37
C GLY D 117 11.24 21.24 -0.26
N GLY D 118 10.78 19.99 -0.41
CA GLY D 118 9.35 19.72 -0.32
C GLY D 118 8.85 19.90 1.10
N HIS D 119 9.59 19.35 2.07
CA HIS D 119 9.24 19.48 3.48
C HIS D 119 9.21 20.97 3.83
N SER D 120 10.18 21.71 3.29
CA SER D 120 10.29 23.14 3.54
C SER D 120 9.14 23.94 2.93
N SER D 121 8.64 23.49 1.78
CA SER D 121 7.55 24.17 1.11
C SER D 121 6.25 23.93 1.87
N VAL D 122 6.11 22.74 2.42
CA VAL D 122 4.93 22.42 3.21
C VAL D 122 4.99 23.25 4.48
N ALA D 123 6.17 23.33 5.09
CA ALA D 123 6.31 24.12 6.31
C ALA D 123 5.93 25.58 6.06
N PHE D 124 6.48 26.15 4.99
CA PHE D 124 6.20 27.54 4.66
C PHE D 124 4.71 27.78 4.39
N THR D 125 4.08 26.86 3.66
CA THR D 125 2.66 27.00 3.33
C THR D 125 1.82 26.93 4.59
N LEU D 126 2.19 26.03 5.50
CA LEU D 126 1.49 25.86 6.77
C LEU D 126 1.54 27.15 7.60
N LYS D 127 2.72 27.77 7.66
CA LYS D 127 2.90 29.01 8.42
C LYS D 127 2.30 30.25 7.77
N TRP D 128 2.55 30.42 6.48
CA TRP D 128 2.04 31.59 5.78
C TRP D 128 1.24 31.24 4.54
N PRO D 129 0.11 30.54 4.73
CA PRO D 129 -0.75 30.14 3.63
C PRO D 129 -1.16 31.30 2.74
N GLU D 130 -1.19 32.50 3.30
CA GLU D 130 -1.59 33.66 2.53
C GLU D 130 -0.51 34.18 1.58
N ARG D 131 0.71 33.67 1.71
CA ARG D 131 1.79 34.11 0.85
C ARG D 131 2.08 33.14 -0.30
N VAL D 132 1.43 31.98 -0.32
CA VAL D 132 1.70 31.04 -1.40
C VAL D 132 0.54 30.86 -2.38
N GLY D 133 0.89 30.63 -3.65
CA GLY D 133 -0.11 30.44 -4.68
C GLY D 133 -0.32 28.95 -4.88
N LYS D 134 0.51 28.35 -5.73
CA LYS D 134 0.44 26.93 -6.00
C LYS D 134 1.61 26.20 -5.36
N LEU D 135 1.40 24.94 -5.01
CA LEU D 135 2.42 24.13 -4.36
C LEU D 135 2.78 22.89 -5.16
N VAL D 136 4.06 22.72 -5.45
CA VAL D 136 4.51 21.55 -6.19
C VAL D 136 5.54 20.82 -5.33
N LEU D 137 5.29 19.54 -5.11
CA LEU D 137 6.16 18.72 -4.28
C LEU D 137 6.75 17.53 -5.00
N MET D 138 8.07 17.42 -4.99
CA MET D 138 8.70 16.28 -5.62
C MET D 138 9.65 15.55 -4.67
N GLY D 139 9.28 14.31 -4.35
CA GLY D 139 10.08 13.47 -3.48
C GLY D 139 10.20 13.95 -2.05
N GLY D 140 9.27 14.78 -1.60
CA GLY D 140 9.32 15.25 -0.23
C GLY D 140 8.11 16.07 0.12
N GLY D 141 7.89 16.33 1.40
CA GLY D 141 6.75 17.12 1.81
C GLY D 141 6.34 16.94 3.26
N THR D 142 6.53 15.75 3.79
CA THR D 142 6.15 15.49 5.17
C THR D 142 7.03 14.42 5.78
N GLY D 143 7.39 14.59 7.05
CA GLY D 143 8.20 13.59 7.71
C GLY D 143 7.31 12.42 8.08
N GLY D 144 7.90 11.35 8.57
CA GLY D 144 7.07 10.21 8.94
C GLY D 144 7.52 8.88 8.39
N MET D 145 7.06 7.81 9.05
CA MET D 145 7.41 6.45 8.69
C MET D 145 6.73 6.02 7.39
N SER D 146 7.38 5.11 6.67
CA SER D 146 6.79 4.58 5.45
C SER D 146 6.00 3.36 5.94
N LEU D 147 5.04 2.89 5.16
CA LEU D 147 4.26 1.73 5.57
C LEU D 147 4.82 0.48 4.93
N PHE D 148 5.66 0.65 3.91
CA PHE D 148 6.18 -0.49 3.19
C PHE D 148 7.68 -0.67 3.05
N THR D 149 8.41 0.43 3.05
CA THR D 149 9.86 0.34 2.83
C THR D 149 10.72 0.53 4.06
N PRO D 150 11.66 -0.40 4.27
CA PRO D 150 12.59 -0.37 5.41
C PRO D 150 13.36 0.94 5.51
N MET D 151 13.35 1.53 6.70
CA MET D 151 14.09 2.76 6.91
C MET D 151 15.05 2.49 8.07
N PRO D 152 16.23 3.16 8.07
CA PRO D 152 16.65 4.12 7.06
C PRO D 152 16.74 3.48 5.68
N THR D 153 16.42 4.25 4.64
CA THR D 153 16.44 3.71 3.29
C THR D 153 17.83 3.49 2.71
N GLU D 154 17.90 2.60 1.73
CA GLU D 154 19.14 2.30 1.06
C GLU D 154 19.77 3.63 0.59
N GLY D 155 18.92 4.53 0.11
CA GLY D 155 19.39 5.82 -0.36
C GLY D 155 19.94 6.69 0.76
N ILE D 156 19.15 6.87 1.82
CA ILE D 156 19.58 7.70 2.94
C ILE D 156 20.87 7.20 3.60
N LYS D 157 21.08 5.90 3.64
CA LYS D 157 22.30 5.37 4.25
C LYS D 157 23.53 5.86 3.48
N ARG D 158 23.48 5.80 2.16
CA ARG D 158 24.61 6.24 1.35
C ARG D 158 24.77 7.75 1.48
N LEU D 159 23.66 8.47 1.61
CA LEU D 159 23.73 9.92 1.75
C LEU D 159 24.45 10.31 3.02
N ASN D 160 24.14 9.66 4.13
CA ASN D 160 24.79 9.97 5.40
C ASN D 160 26.26 9.57 5.39
N GLN D 161 26.56 8.42 4.80
CA GLN D 161 27.94 7.95 4.72
C GLN D 161 28.79 8.92 3.88
N LEU D 162 28.19 9.47 2.82
CA LEU D 162 28.87 10.42 1.95
C LEU D 162 29.19 11.69 2.71
N TYR D 163 28.26 12.10 3.58
CA TYR D 163 28.47 13.30 4.37
C TYR D 163 29.61 13.10 5.36
N ARG D 164 29.75 11.87 5.86
CA ARG D 164 30.80 11.56 6.83
C ARG D 164 32.15 11.25 6.18
N GLN D 165 32.12 10.83 4.92
CA GLN D 165 33.32 10.52 4.17
C GLN D 165 33.16 11.07 2.75
N PRO D 166 33.27 12.39 2.60
CA PRO D 166 33.13 13.09 1.32
C PRO D 166 34.10 12.67 0.22
N THR D 167 34.06 11.40 -0.18
CA THR D 167 34.96 10.93 -1.22
C THR D 167 34.24 10.79 -2.56
N ILE D 168 35.00 10.96 -3.64
CA ILE D 168 34.44 10.83 -4.98
C ILE D 168 33.80 9.45 -5.10
N GLU D 169 34.37 8.48 -4.39
CA GLU D 169 33.86 7.12 -4.42
C GLU D 169 32.45 7.03 -3.84
N ASN D 170 32.24 7.70 -2.71
CA ASN D 170 30.93 7.71 -2.07
C ASN D 170 29.93 8.52 -2.90
N LEU D 171 30.39 9.66 -3.42
CA LEU D 171 29.53 10.52 -4.23
C LEU D 171 28.98 9.71 -5.40
N LYS D 172 29.81 8.82 -5.93
CA LYS D 172 29.40 7.99 -7.05
C LYS D 172 28.46 6.87 -6.59
N LEU D 173 28.70 6.35 -5.39
CA LEU D 173 27.88 5.28 -4.84
C LEU D 173 26.48 5.82 -4.54
N MET D 174 26.42 7.06 -4.05
CA MET D 174 25.13 7.67 -3.75
C MET D 174 24.36 7.97 -5.04
N MET D 175 24.98 8.73 -5.94
CA MET D 175 24.33 9.08 -7.20
C MET D 175 23.97 7.86 -8.02
N ASP D 176 24.67 6.75 -7.78
CA ASP D 176 24.39 5.53 -8.53
C ASP D 176 22.96 5.02 -8.30
N ILE D 177 22.43 5.24 -7.10
CA ILE D 177 21.06 4.81 -6.80
C ILE D 177 20.10 5.99 -6.60
N PHE D 178 20.55 7.18 -6.97
CA PHE D 178 19.76 8.41 -6.84
C PHE D 178 18.77 8.56 -8.01
N VAL D 179 19.14 7.98 -9.15
CA VAL D 179 18.31 8.04 -10.35
C VAL D 179 18.12 6.64 -10.90
N PHE D 180 17.05 6.44 -11.65
CA PHE D 180 16.75 5.15 -12.24
C PHE D 180 17.74 4.81 -13.34
N ASP D 181 18.02 5.78 -14.21
CA ASP D 181 18.95 5.59 -15.30
C ASP D 181 20.18 6.45 -15.07
N THR D 182 21.22 5.86 -14.48
CA THR D 182 22.44 6.60 -14.18
C THR D 182 23.02 7.19 -15.44
N SER D 183 22.60 6.64 -16.57
CA SER D 183 23.03 7.11 -17.87
C SER D 183 22.62 8.57 -18.05
N ASP D 184 21.89 9.09 -17.07
CA ASP D 184 21.42 10.48 -17.11
C ASP D 184 22.45 11.42 -16.49
N LEU D 185 23.02 11.03 -15.35
CA LEU D 185 24.01 11.87 -14.70
C LEU D 185 25.03 12.28 -15.75
N THR D 186 25.51 13.51 -15.64
CA THR D 186 26.49 14.03 -16.58
C THR D 186 27.74 14.50 -15.83
N ASP D 187 28.89 14.41 -16.50
CA ASP D 187 30.14 14.85 -15.88
C ASP D 187 29.97 16.26 -15.32
N ALA D 188 29.25 17.11 -16.05
CA ALA D 188 29.01 18.48 -15.62
C ALA D 188 28.31 18.49 -14.27
N LEU D 189 27.29 17.64 -14.14
CA LEU D 189 26.53 17.56 -12.90
C LEU D 189 27.46 17.06 -11.80
N PHE D 190 28.03 15.87 -12.03
CA PHE D 190 28.94 15.23 -11.11
C PHE D 190 30.01 16.21 -10.64
N GLU D 191 30.70 16.83 -11.60
CA GLU D 191 31.75 17.79 -11.31
C GLU D 191 31.26 18.98 -10.50
N ALA D 192 30.11 19.53 -10.88
CA ALA D 192 29.56 20.69 -10.17
C ALA D 192 29.23 20.29 -8.73
N ARG D 193 28.74 19.06 -8.58
CA ARG D 193 28.40 18.55 -7.26
C ARG D 193 29.67 18.28 -6.46
N LEU D 194 30.59 17.54 -7.08
CA LEU D 194 31.87 17.20 -6.44
C LEU D 194 32.55 18.49 -6.01
N ASN D 195 32.50 19.49 -6.89
CA ASN D 195 33.11 20.77 -6.60
C ASN D 195 32.47 21.45 -5.41
N ASN D 196 31.14 21.54 -5.41
CA ASN D 196 30.43 22.18 -4.30
C ASN D 196 30.60 21.44 -2.98
N MET D 197 30.77 20.13 -3.06
CA MET D 197 30.96 19.34 -1.86
C MET D 197 32.28 19.74 -1.19
N LEU D 198 33.40 19.53 -1.87
CA LEU D 198 34.72 19.86 -1.32
C LEU D 198 34.94 21.35 -1.07
N SER D 199 34.34 22.19 -1.89
CA SER D 199 34.47 23.64 -1.74
C SER D 199 33.96 24.16 -0.40
N ARG D 200 33.06 23.41 0.23
CA ARG D 200 32.52 23.83 1.52
C ARG D 200 32.44 22.66 2.47
N ARG D 201 33.57 22.29 3.05
CA ARG D 201 33.62 21.17 3.99
C ARG D 201 32.94 21.56 5.30
N ASP D 202 32.72 22.85 5.49
CA ASP D 202 32.04 23.31 6.69
C ASP D 202 30.59 22.80 6.64
N HIS D 203 29.98 22.89 5.46
CA HIS D 203 28.59 22.44 5.28
C HIS D 203 28.45 20.96 5.61
N LEU D 204 29.35 20.14 5.07
CA LEU D 204 29.31 18.71 5.29
C LEU D 204 29.43 18.37 6.77
N GLU D 205 30.42 18.99 7.44
CA GLU D 205 30.63 18.75 8.85
C GLU D 205 29.43 19.19 9.68
N ASN D 206 28.81 20.30 9.28
CA ASN D 206 27.65 20.82 10.01
C ASN D 206 26.40 19.97 9.84
N PHE D 207 26.24 19.36 8.67
CA PHE D 207 25.10 18.51 8.41
C PHE D 207 25.23 17.33 9.37
N VAL D 208 26.43 16.78 9.47
CA VAL D 208 26.69 15.65 10.36
C VAL D 208 26.37 16.01 11.81
N LYS D 209 26.85 17.17 12.26
CA LYS D 209 26.60 17.63 13.62
C LYS D 209 25.12 17.83 13.89
N SER D 210 24.43 18.45 12.93
CA SER D 210 23.00 18.70 13.06
C SER D 210 22.27 17.39 13.31
N LEU D 211 22.54 16.40 12.47
CA LEU D 211 21.94 15.09 12.59
C LEU D 211 22.25 14.53 13.97
N GLU D 212 23.49 14.72 14.43
CA GLU D 212 23.89 14.24 15.74
C GLU D 212 23.11 14.95 16.83
N ALA D 213 22.93 16.25 16.67
CA ALA D 213 22.21 17.05 17.64
C ALA D 213 20.71 16.77 17.64
N ASN D 214 20.19 16.25 16.53
CA ASN D 214 18.76 15.94 16.39
C ASN D 214 18.50 15.06 15.17
N PRO D 215 18.32 13.74 15.38
CA PRO D 215 18.07 12.75 14.33
C PRO D 215 16.81 12.99 13.50
N LYS D 216 15.80 13.59 14.12
CA LYS D 216 14.54 13.86 13.43
C LYS D 216 14.54 15.31 12.96
N GLN D 217 15.15 15.55 11.81
CA GLN D 217 15.24 16.89 11.23
C GLN D 217 13.92 17.38 10.65
N PHE D 218 13.08 16.47 10.19
CA PHE D 218 11.82 16.88 9.61
C PHE D 218 10.59 16.41 10.37
N PRO D 219 9.78 17.37 10.84
CA PRO D 219 8.55 17.06 11.58
C PRO D 219 7.57 16.31 10.68
N ASP D 220 6.72 15.51 11.31
CA ASP D 220 5.70 14.78 10.57
C ASP D 220 4.53 15.74 10.50
N PHE D 221 4.19 16.21 9.30
CA PHE D 221 3.09 17.14 9.15
C PHE D 221 1.75 16.48 8.81
N GLY D 222 1.73 15.16 8.76
CA GLY D 222 0.50 14.44 8.45
C GLY D 222 -0.77 15.03 9.06
N PRO D 223 -0.86 15.12 10.38
CA PRO D 223 -2.05 15.66 11.05
C PRO D 223 -2.51 17.06 10.60
N ARG D 224 -1.60 17.85 10.01
CA ARG D 224 -1.96 19.19 9.60
C ARG D 224 -2.16 19.38 8.10
N LEU D 225 -1.98 18.32 7.32
CA LEU D 225 -2.15 18.48 5.88
C LEU D 225 -3.53 18.99 5.47
N ALA D 226 -4.52 18.82 6.34
CA ALA D 226 -5.88 19.27 6.04
C ALA D 226 -5.99 20.79 6.04
N GLU D 227 -4.95 21.44 6.56
CA GLU D 227 -4.91 22.91 6.60
C GLU D 227 -4.57 23.50 5.24
N ILE D 228 -3.84 22.74 4.41
CA ILE D 228 -3.42 23.23 3.09
C ILE D 228 -4.57 23.45 2.09
N LYS D 229 -4.73 24.70 1.67
CA LYS D 229 -5.78 25.06 0.74
C LYS D 229 -5.19 25.36 -0.63
N ALA D 230 -3.87 25.37 -0.71
CA ALA D 230 -3.18 25.64 -1.95
C ALA D 230 -3.33 24.48 -2.92
N GLN D 231 -3.63 24.78 -4.19
CA GLN D 231 -3.72 23.74 -5.20
C GLN D 231 -2.35 23.08 -5.15
N THR D 232 -2.31 21.75 -5.01
CA THR D 232 -1.03 21.05 -4.90
C THR D 232 -0.82 19.92 -5.92
N LEU D 233 0.43 19.83 -6.40
CA LEU D 233 0.80 18.81 -7.38
C LEU D 233 1.96 18.04 -6.76
N ILE D 234 1.80 16.72 -6.63
CA ILE D 234 2.85 15.90 -6.03
C ILE D 234 3.48 15.04 -7.12
N VAL D 235 4.82 15.02 -7.15
CA VAL D 235 5.53 14.24 -8.16
C VAL D 235 6.49 13.31 -7.47
N TRP D 236 6.56 12.07 -7.96
CA TRP D 236 7.43 11.07 -7.33
C TRP D 236 7.92 10.03 -8.33
N GLY D 237 8.95 9.31 -7.93
CA GLY D 237 9.48 8.24 -8.76
C GLY D 237 9.13 6.93 -8.07
N ARG D 238 8.55 6.00 -8.82
CA ARG D 238 8.17 4.70 -8.27
C ARG D 238 9.39 3.98 -7.71
N ASN D 239 10.55 4.25 -8.29
CA ASN D 239 11.77 3.58 -7.85
C ASN D 239 12.69 4.48 -7.04
N ASP D 240 12.09 5.39 -6.28
CA ASP D 240 12.83 6.29 -5.44
C ASP D 240 13.42 5.43 -4.33
N ARG D 241 14.74 5.34 -4.26
CA ARG D 241 15.39 4.51 -3.24
C ARG D 241 15.78 5.33 -2.01
N PHE D 242 15.47 6.62 -2.03
CA PHE D 242 15.78 7.49 -0.90
C PHE D 242 14.55 7.75 -0.02
N VAL D 243 13.48 8.22 -0.63
CA VAL D 243 12.23 8.49 0.09
C VAL D 243 11.14 7.62 -0.53
N PRO D 244 10.61 6.66 0.24
CA PRO D 244 9.57 5.76 -0.28
C PRO D 244 8.39 6.46 -0.92
N MET D 245 7.97 5.92 -2.06
CA MET D 245 6.87 6.45 -2.82
C MET D 245 5.54 6.55 -2.05
N ASP D 246 5.33 5.74 -1.01
CA ASP D 246 4.05 5.85 -0.30
C ASP D 246 3.93 7.19 0.42
N ALA D 247 5.02 7.92 0.53
CA ALA D 247 4.97 9.24 1.14
C ALA D 247 4.18 10.11 0.15
N GLY D 248 4.36 9.84 -1.14
CA GLY D 248 3.62 10.60 -2.15
C GLY D 248 2.13 10.34 -1.95
N LEU D 249 1.79 9.08 -1.72
CA LEU D 249 0.42 8.65 -1.47
C LEU D 249 -0.14 9.36 -0.24
N ARG D 250 0.71 9.53 0.78
CA ARG D 250 0.36 10.22 2.02
C ARG D 250 -0.02 11.68 1.77
N LEU D 251 0.82 12.40 1.04
CA LEU D 251 0.53 13.80 0.75
C LEU D 251 -0.76 13.89 -0.07
N LEU D 252 -0.96 12.94 -0.97
CA LEU D 252 -2.13 12.92 -1.83
C LEU D 252 -3.41 12.75 -1.00
N SER D 253 -3.42 11.79 -0.08
CA SER D 253 -4.62 11.58 0.75
C SER D 253 -4.86 12.74 1.71
N GLY D 254 -3.78 13.41 2.11
CA GLY D 254 -3.92 14.50 3.07
C GLY D 254 -4.23 15.90 2.57
N ILE D 255 -3.84 16.21 1.34
CA ILE D 255 -4.06 17.54 0.81
C ILE D 255 -5.25 17.57 -0.16
N ALA D 256 -6.37 18.11 0.30
CA ALA D 256 -7.57 18.17 -0.52
C ALA D 256 -7.30 18.81 -1.87
N GLY D 257 -8.00 18.32 -2.90
CA GLY D 257 -7.85 18.85 -4.25
C GLY D 257 -6.48 18.66 -4.88
N SER D 258 -5.62 17.85 -4.27
CA SER D 258 -4.28 17.63 -4.83
C SER D 258 -4.28 16.58 -5.94
N GLU D 259 -3.14 16.46 -6.62
CA GLU D 259 -2.97 15.50 -7.70
C GLU D 259 -1.58 14.89 -7.56
N LEU D 260 -1.46 13.61 -7.92
CA LEU D 260 -0.18 12.92 -7.82
C LEU D 260 0.25 12.34 -9.17
N HIS D 261 1.49 12.58 -9.55
CA HIS D 261 2.00 12.05 -10.79
C HIS D 261 3.21 11.19 -10.46
N ILE D 262 3.16 9.92 -10.82
CA ILE D 262 4.25 9.01 -10.54
C ILE D 262 4.90 8.47 -11.81
N PHE D 263 6.22 8.63 -11.90
CA PHE D 263 6.97 8.11 -13.05
C PHE D 263 7.51 6.77 -12.55
N ARG D 264 7.23 5.69 -13.26
CA ARG D 264 7.71 4.37 -12.85
C ARG D 264 9.23 4.27 -12.89
N ASP D 265 9.80 4.43 -14.09
CA ASP D 265 11.24 4.35 -14.29
C ASP D 265 11.92 5.64 -13.87
N CYS D 266 11.89 5.89 -12.57
CA CYS D 266 12.47 7.11 -12.02
C CYS D 266 12.93 6.91 -10.60
N GLY D 267 13.99 7.62 -10.22
CA GLY D 267 14.50 7.53 -8.87
C GLY D 267 14.01 8.69 -8.03
N HIS D 268 14.91 9.28 -7.24
CA HIS D 268 14.57 10.38 -6.35
C HIS D 268 14.69 11.78 -6.96
N TRP D 269 14.86 11.85 -8.28
CA TRP D 269 15.04 13.15 -8.92
C TRP D 269 14.27 13.33 -10.23
N ALA D 270 12.94 13.28 -10.13
CA ALA D 270 12.05 13.42 -11.29
C ALA D 270 12.26 14.67 -12.13
N GLN D 271 12.40 15.82 -11.48
CA GLN D 271 12.60 17.09 -12.19
C GLN D 271 13.75 17.02 -13.18
N TRP D 272 14.66 16.09 -12.95
CA TRP D 272 15.83 15.91 -13.80
C TRP D 272 15.72 14.65 -14.65
N GLU D 273 15.39 13.52 -14.03
CA GLU D 273 15.26 12.27 -14.77
C GLU D 273 14.18 12.32 -15.84
N HIS D 274 13.16 13.15 -15.62
CA HIS D 274 12.07 13.27 -16.58
C HIS D 274 11.78 14.75 -16.80
N ALA D 275 12.86 15.50 -17.01
CA ALA D 275 12.80 16.94 -17.21
C ALA D 275 11.65 17.44 -18.07
N ASP D 276 11.57 16.96 -19.31
CA ASP D 276 10.50 17.41 -20.20
C ASP D 276 9.09 17.17 -19.68
N ALA D 277 8.80 15.94 -19.27
CA ALA D 277 7.47 15.63 -18.75
C ALA D 277 7.16 16.47 -17.50
N PHE D 278 8.17 16.68 -16.66
CA PHE D 278 7.99 17.45 -15.43
C PHE D 278 7.76 18.93 -15.67
N ASN D 279 8.59 19.55 -16.51
CA ASN D 279 8.41 20.96 -16.79
C ASN D 279 7.03 21.18 -17.37
N GLN D 280 6.64 20.31 -18.31
CA GLN D 280 5.32 20.40 -18.93
C GLN D 280 4.20 20.33 -17.90
N LEU D 281 4.27 19.38 -16.98
CA LEU D 281 3.25 19.23 -15.93
C LEU D 281 3.17 20.47 -15.07
N VAL D 282 4.33 20.97 -14.65
CA VAL D 282 4.41 22.16 -13.81
C VAL D 282 3.87 23.39 -14.51
N LEU D 283 4.33 23.62 -15.74
CA LEU D 283 3.89 24.75 -16.54
C LEU D 283 2.37 24.72 -16.72
N ASN D 284 1.82 23.53 -17.00
CA ASN D 284 0.37 23.38 -17.15
C ASN D 284 -0.31 23.72 -15.84
N PHE D 285 0.25 23.17 -14.75
CA PHE D 285 -0.29 23.37 -13.40
C PHE D 285 -0.28 24.84 -12.98
N LEU D 286 0.87 25.49 -13.16
CA LEU D 286 1.00 26.90 -12.79
C LEU D 286 0.08 27.82 -13.58
N ALA D 287 -0.36 27.38 -14.75
CA ALA D 287 -1.24 28.18 -15.61
C ALA D 287 -2.71 28.00 -15.25
N ARG D 288 -3.00 27.11 -14.31
CA ARG D 288 -4.37 26.89 -13.89
C ARG D 288 -4.85 28.11 -13.11
N PRO D 289 -6.11 28.51 -13.30
CA PRO D 289 -6.64 29.67 -12.58
C PRO D 289 -6.69 29.39 -11.08
CL CL E . -19.25 -1.39 17.85
CL CL F . -19.09 3.16 -17.37
CL CL G . 19.05 -18.24 2.97
CL CL H . 20.03 16.94 -3.67
#